data_7DSQ
#
_entry.id   7DSQ
#
_cell.length_a   1.00
_cell.length_b   1.00
_cell.length_c   1.00
_cell.angle_alpha   90.00
_cell.angle_beta   90.00
_cell.angle_gamma   90.00
#
_symmetry.space_group_name_H-M   'P 1'
#
loop_
_entity.id
_entity.type
_entity.pdbx_description
1 polymer '4F2 cell-surface antigen heavy chain'
2 polymer 'Large neutral amino acids transporter small subunit 1'
3 branched 2-acetamido-2-deoxy-beta-D-glucopyranose-(1-4)-2-acetamido-2-deoxy-beta-D-glucopyranose
4 non-polymer 3,5-DIIODOTYROSINE
5 non-polymer 'CHOLESTEROL HEMISUCCINATE'
6 non-polymer 1,2-DIACYL-GLYCEROL-3-SN-PHOSPHATE
7 water water
#
loop_
_entity_poly.entity_id
_entity_poly.type
_entity_poly.pdbx_seq_one_letter_code
_entity_poly.pdbx_strand_id
1 'polypeptide(L)'
;MAHHHHHHHHHHSGRELQPPEASIAVVSIPRQLPGSHSEAGVQGLSAGDDSETGSDCVTQAGLQLLASSDPPALASKNAE
VTVETGFHHVSQADIEFLTSIDPTASASGSAGITGTMSQDTEVDMKEVELNELEPEKQPMNAASGAAMSLAGAEKNGLVK
IKVAEDEAEAAAAAKFTGLSKEELLKVAGSPGWVRTRWALLLLFWLGWLGMLAGAVVIIVRAPRCRELPAQKWWHTGALY
RIGDLQAFQGHGAGNLAGLKGRLDYLSSLKVKGLVLGPIHKNQKDDVAQTDLLQIDPNFGSKEDFDSLLQSAKKKSIRVI
LDLTPNYRGENSWFSTQVDTVATKVKDALEFWLQAGVDGFQVRDIENLKDASSFLAEWQNITKGFSEDRLLIAGTNSSDL
QQILSLLESNKDLLLTSSYLSDSGSTGEHTKSLVTQYLNATGNRWCSWSLSQARLLTSFLPAQLLRLYQLMLFTLPGTPV
FSYGDEIGLDAAALPGQPMEAPVMLWDESSFPDIPGAVSANMTVKGQSEDPGSLLSLFRRLSDQRSKERSLLHGDFHAFS
AGPGLFSYIRHWDQNERFLVVLNFGDVGLSAGLQASDLPASASLPAKADLLLSTQPGREEGSPLELERLKLEPHEGLLLR
FPYAALE
;
A
2 'polypeptide(L)'
;MADYKDDDDKSGPDEVDASGRAGAGPKRRALAAPAAEEKEEAREKMLAAKSADGSAPAGEGEGVTLQRNITLLNGVAIIV
GTIIGSGIFVTPTGVLKEAGSPGLALVVWAACGVFSIVGALCYAELGTTISKSGGDYAYMLEVYGSLPAFLKLWIELLII
RPSSQYIVALVFATYLLKPLFPTCPVPEEAAKLVACLCVLLLTAVNCYSVKAATRVQDAFAAAKLLALALIILLGFVQIG
KGDVSNLDPNFSFEGTKLDVGNIVLALYSGLFAYGGWNYLNFVTEEMINPYRNLPLAIIISLPIVTLVYVLTNLAYFTTL
STEQMLSSEAVAVDFGNYHLGVMSWIIPVFVGLSCFGSVNGSLFTSSRLFFVGSREGHLPSILSMIHPQLLTPVPSLVFT
CVMTLLYAFSKDIFSVINFFSFFNWLCVALAIIGMIWLRHRKPELERPIKVNLALPVFFILACLFLIAVSFWKTPVECGI
GFTIILSGLPVYFFGVWWKNKPKWLLQGIFSTTVLCQKLMQVVPQET
;
B
#
# COMPACT_ATOMS: atom_id res chain seq x y z
N PHE A 176 -50.21 -0.70 15.52
CA PHE A 176 -50.81 0.61 15.77
C PHE A 176 -51.21 1.28 14.47
N THR A 177 -50.86 0.68 13.34
CA THR A 177 -51.37 1.14 12.06
C THR A 177 -51.73 -0.11 11.27
N GLY A 178 -52.33 -1.08 11.96
CA GLY A 178 -52.71 -2.31 11.29
C GLY A 178 -53.47 -3.21 12.23
N LEU A 179 -53.39 -4.50 11.92
CA LEU A 179 -54.08 -5.53 12.69
C LEU A 179 -53.49 -5.70 14.08
N SER A 180 -54.24 -6.35 14.95
CA SER A 180 -53.74 -6.81 16.24
C SER A 180 -53.23 -8.23 16.09
N LYS A 181 -52.98 -8.86 17.23
CA LYS A 181 -52.50 -10.24 17.25
C LYS A 181 -53.61 -11.20 16.83
N GLU A 182 -54.79 -11.03 17.41
CA GLU A 182 -55.86 -12.03 17.29
C GLU A 182 -56.51 -12.02 15.92
N GLU A 183 -56.67 -10.84 15.32
CA GLU A 183 -57.22 -10.77 13.98
C GLU A 183 -56.28 -11.36 12.96
N LEU A 184 -54.97 -11.21 13.17
CA LEU A 184 -53.99 -11.82 12.28
C LEU A 184 -53.97 -13.33 12.46
N LEU A 185 -54.08 -13.80 13.71
CA LEU A 185 -54.17 -15.25 13.91
C LEU A 185 -55.49 -15.81 13.38
N LYS A 186 -56.50 -14.98 13.19
CA LYS A 186 -57.68 -15.39 12.46
C LYS A 186 -57.38 -15.53 10.97
N VAL A 187 -56.94 -14.46 10.32
CA VAL A 187 -56.87 -14.46 8.86
C VAL A 187 -55.59 -15.12 8.35
N ALA A 188 -54.46 -14.88 9.02
CA ALA A 188 -53.19 -15.40 8.52
C ALA A 188 -52.86 -16.74 9.17
N GLY A 189 -53.75 -17.71 9.01
CA GLY A 189 -53.47 -19.06 9.43
C GLY A 189 -54.10 -20.08 8.51
N SER A 190 -54.51 -19.63 7.31
CA SER A 190 -55.27 -20.46 6.41
C SER A 190 -54.43 -20.96 5.26
N PRO A 191 -54.71 -22.17 4.75
CA PRO A 191 -54.17 -22.59 3.46
C PRO A 191 -54.55 -21.64 2.34
N GLY A 192 -53.56 -21.25 1.53
CA GLY A 192 -53.73 -20.16 0.59
C GLY A 192 -52.80 -19.03 0.96
N TRP A 193 -52.48 -18.94 2.25
CA TRP A 193 -51.52 -17.97 2.74
C TRP A 193 -50.25 -18.60 3.31
N VAL A 194 -50.28 -19.90 3.61
CA VAL A 194 -49.09 -20.53 4.16
C VAL A 194 -48.31 -21.25 3.08
N ARG A 195 -49.02 -21.76 2.06
CA ARG A 195 -48.36 -22.38 0.92
C ARG A 195 -47.54 -21.36 0.14
N THR A 196 -48.05 -20.13 0.04
CA THR A 196 -47.33 -19.12 -0.73
C THR A 196 -46.11 -18.61 0.01
N ARG A 197 -46.14 -18.57 1.34
CA ARG A 197 -44.93 -18.14 2.03
C ARG A 197 -43.89 -19.25 2.07
N TRP A 198 -44.32 -20.52 2.07
CA TRP A 198 -43.32 -21.58 1.90
C TRP A 198 -42.76 -21.60 0.48
N ALA A 199 -43.57 -21.19 -0.50
CA ALA A 199 -43.05 -21.04 -1.86
C ALA A 199 -42.07 -19.88 -1.96
N LEU A 200 -42.29 -18.83 -1.18
CA LEU A 200 -41.33 -17.73 -1.13
C LEU A 200 -40.01 -18.15 -0.50
N LEU A 201 -40.08 -19.00 0.55
CA LEU A 201 -38.87 -19.56 1.12
C LEU A 201 -38.13 -20.45 0.11
N LEU A 202 -38.88 -21.21 -0.68
CA LEU A 202 -38.28 -22.04 -1.72
C LEU A 202 -37.60 -21.18 -2.78
N LEU A 203 -38.23 -20.06 -3.15
CA LEU A 203 -37.65 -19.18 -4.16
C LEU A 203 -36.40 -18.47 -3.63
N PHE A 204 -36.38 -18.12 -2.34
CA PHE A 204 -35.19 -17.49 -1.76
C PHE A 204 -34.02 -18.46 -1.73
N TRP A 205 -34.23 -19.65 -1.17
CA TRP A 205 -33.11 -20.58 -1.09
C TRP A 205 -32.77 -21.22 -2.42
N LEU A 206 -33.59 -21.03 -3.46
CA LEU A 206 -33.17 -21.34 -4.81
C LEU A 206 -32.41 -20.22 -5.49
N GLY A 207 -32.70 -18.96 -5.15
CA GLY A 207 -31.90 -17.87 -5.70
C GLY A 207 -30.51 -17.77 -5.11
N TRP A 208 -30.36 -18.16 -3.83
CA TRP A 208 -29.05 -18.09 -3.18
C TRP A 208 -28.07 -19.07 -3.80
N LEU A 209 -28.49 -20.31 -4.03
CA LEU A 209 -27.62 -21.30 -4.66
C LEU A 209 -27.36 -20.96 -6.12
N GLY A 210 -28.30 -20.30 -6.79
CA GLY A 210 -28.05 -19.84 -8.14
C GLY A 210 -26.98 -18.76 -8.19
N MET A 211 -27.00 -17.86 -7.21
CA MET A 211 -25.95 -16.84 -7.12
C MET A 211 -24.59 -17.44 -6.82
N LEU A 212 -24.56 -18.45 -5.93
CA LEU A 212 -23.31 -19.12 -5.60
C LEU A 212 -22.73 -19.86 -6.80
N ALA A 213 -23.60 -20.52 -7.57
CA ALA A 213 -23.17 -21.24 -8.75
C ALA A 213 -22.64 -20.30 -9.82
N GLY A 214 -23.32 -19.16 -10.01
CA GLY A 214 -22.84 -18.14 -10.92
C GLY A 214 -21.48 -17.58 -10.52
N ALA A 215 -21.26 -17.41 -9.22
CA ALA A 215 -19.97 -16.93 -8.74
C ALA A 215 -18.85 -17.92 -9.01
N VAL A 216 -19.09 -19.21 -8.75
CA VAL A 216 -18.05 -20.22 -8.95
C VAL A 216 -17.73 -20.38 -10.43
N VAL A 217 -18.77 -20.31 -11.27
CA VAL A 217 -18.60 -20.42 -12.72
C VAL A 217 -17.82 -19.22 -13.25
N ILE A 218 -18.04 -18.04 -12.66
CA ILE A 218 -17.27 -16.86 -13.05
C ILE A 218 -15.81 -16.99 -12.61
N ILE A 219 -15.59 -17.66 -11.47
CA ILE A 219 -14.24 -17.75 -10.92
C ILE A 219 -13.37 -18.70 -11.74
N VAL A 220 -13.88 -19.90 -12.05
CA VAL A 220 -13.02 -20.88 -12.74
C VAL A 220 -12.81 -20.49 -14.20
N ARG A 221 -13.72 -19.70 -14.76
CA ARG A 221 -13.53 -19.20 -16.12
C ARG A 221 -12.82 -17.86 -16.12
N ALA A 222 -11.70 -17.78 -15.40
CA ALA A 222 -10.93 -16.54 -15.32
C ALA A 222 -9.43 -16.83 -15.33
N PRO A 223 -8.61 -15.78 -15.36
CA PRO A 223 -7.15 -15.96 -15.37
C PRO A 223 -6.55 -15.88 -13.97
N ARG A 224 -6.21 -17.01 -13.38
CA ARG A 224 -5.61 -17.01 -12.04
C ARG A 224 -4.53 -15.95 -11.92
N CYS A 225 -3.31 -16.31 -12.30
CA CYS A 225 -2.18 -15.38 -12.24
C CYS A 225 -1.03 -15.87 -13.11
N ARG A 226 0.06 -15.10 -13.13
CA ARG A 226 1.24 -15.45 -13.92
C ARG A 226 2.26 -16.20 -13.08
N GLU A 227 3.37 -15.54 -12.77
CA GLU A 227 4.43 -16.15 -11.96
C GLU A 227 5.49 -15.11 -11.61
N LEU A 228 5.89 -14.97 -10.36
CA LEU A 228 7.01 -14.05 -10.17
C LEU A 228 8.30 -14.79 -10.50
N PRO A 229 9.24 -14.15 -11.21
CA PRO A 229 10.37 -14.87 -11.80
C PRO A 229 11.56 -15.05 -10.90
N ALA A 230 11.37 -14.88 -9.58
CA ALA A 230 12.36 -15.17 -8.55
C ALA A 230 13.63 -14.34 -8.70
N GLN A 231 13.50 -13.03 -8.51
CA GLN A 231 14.60 -12.11 -8.75
C GLN A 231 15.68 -12.22 -7.69
N LYS A 232 16.86 -11.72 -8.04
CA LYS A 232 18.00 -11.56 -7.15
C LYS A 232 18.13 -10.09 -6.80
N TRP A 233 19.18 -9.76 -6.06
CA TRP A 233 19.30 -8.39 -5.57
C TRP A 233 19.76 -7.43 -6.65
N TRP A 234 20.50 -7.90 -7.65
CA TRP A 234 21.00 -7.02 -8.70
C TRP A 234 20.00 -6.84 -9.82
N HIS A 235 18.83 -7.45 -9.73
CA HIS A 235 17.78 -7.25 -10.71
C HIS A 235 16.89 -6.08 -10.39
N THR A 236 16.98 -5.52 -9.18
CA THR A 236 15.98 -4.59 -8.72
C THR A 236 16.31 -3.14 -9.04
N GLY A 237 17.57 -2.75 -8.96
CA GLY A 237 17.96 -1.37 -9.21
C GLY A 237 19.26 -1.30 -9.98
N ALA A 238 20.04 -0.25 -9.72
CA ALA A 238 21.24 0.04 -10.46
C ALA A 238 22.48 -0.12 -9.58
N LEU A 239 23.62 -0.34 -10.24
CA LEU A 239 24.91 -0.43 -9.59
C LEU A 239 25.66 0.88 -9.78
N TYR A 240 26.58 1.14 -8.86
CA TYR A 240 27.29 2.42 -8.79
C TYR A 240 28.78 2.17 -8.69
N ARG A 241 29.52 2.55 -9.73
CA ARG A 241 30.94 2.23 -9.83
C ARG A 241 31.77 3.39 -9.30
N ILE A 242 32.63 3.10 -8.32
CA ILE A 242 33.51 4.10 -7.73
C ILE A 242 34.95 3.71 -8.04
N GLY A 243 35.53 4.35 -9.06
CA GLY A 243 36.83 3.96 -9.57
C GLY A 243 37.99 4.35 -8.69
N ASP A 244 38.20 5.66 -8.52
CA ASP A 244 39.28 6.16 -7.70
C ASP A 244 38.71 6.71 -6.40
N LEU A 245 39.10 6.10 -5.29
CA LEU A 245 38.44 6.40 -4.03
C LEU A 245 38.94 7.71 -3.43
N GLN A 246 40.14 8.12 -3.80
CA GLN A 246 40.71 9.37 -3.31
C GLN A 246 39.97 10.57 -3.87
N ALA A 247 39.45 10.44 -5.08
CA ALA A 247 38.75 11.55 -5.74
C ALA A 247 37.26 11.58 -5.48
N PHE A 248 36.72 10.59 -4.78
CA PHE A 248 35.29 10.64 -4.46
C PHE A 248 34.99 11.70 -3.40
N GLN A 249 35.80 11.74 -2.34
CA GLN A 249 35.61 12.72 -1.29
C GLN A 249 36.63 13.85 -1.37
N GLY A 250 37.91 13.53 -1.44
CA GLY A 250 38.92 14.55 -1.56
C GLY A 250 40.22 14.10 -0.94
N HIS A 251 41.15 15.05 -0.87
CA HIS A 251 42.50 14.80 -0.41
C HIS A 251 42.53 14.48 1.08
N GLY A 252 43.52 13.69 1.49
CA GLY A 252 43.70 13.34 2.91
C GLY A 252 42.71 12.34 3.44
N ALA A 253 41.44 12.71 3.48
CA ALA A 253 40.34 11.81 3.84
C ALA A 253 39.84 11.05 2.61
N GLY A 254 40.75 10.38 1.93
CA GLY A 254 40.40 9.53 0.81
C GLY A 254 40.46 8.08 1.23
N ASN A 255 39.97 7.80 2.42
CA ASN A 255 40.07 6.50 3.06
C ASN A 255 38.72 5.82 3.09
N LEU A 256 38.73 4.55 3.48
CA LEU A 256 37.53 3.73 3.43
C LEU A 256 36.47 4.17 4.44
N ALA A 257 36.88 4.71 5.58
CA ALA A 257 35.91 5.07 6.61
C ALA A 257 35.22 6.39 6.28
N GLY A 258 35.79 7.17 5.38
CA GLY A 258 35.17 8.40 4.95
C GLY A 258 33.94 8.14 4.11
N LEU A 259 33.97 7.04 3.35
CA LEU A 259 32.87 6.62 2.49
C LEU A 259 31.65 6.25 3.31
N LYS A 260 31.87 5.76 4.53
CA LYS A 260 30.80 5.46 5.47
C LYS A 260 29.98 6.70 5.82
N GLY A 261 30.60 7.88 5.80
CA GLY A 261 29.87 9.12 5.92
C GLY A 261 29.16 9.57 4.66
N ARG A 262 29.21 8.79 3.58
CA ARG A 262 28.55 9.15 2.34
C ARG A 262 27.40 8.24 1.97
N LEU A 263 27.14 7.19 2.75
CA LEU A 263 26.16 6.18 2.36
C LEU A 263 24.73 6.69 2.40
N ASP A 264 24.47 7.78 3.11
CA ASP A 264 23.14 8.35 3.11
C ASP A 264 22.85 9.16 1.85
N TYR A 265 23.87 9.49 1.06
CA TYR A 265 23.67 10.07 -0.26
C TYR A 265 23.33 8.99 -1.28
N LEU A 266 24.11 7.90 -1.26
CA LEU A 266 23.84 6.76 -2.12
C LEU A 266 22.48 6.14 -1.85
N SER A 267 22.09 6.02 -0.58
CA SER A 267 20.76 5.52 -0.27
C SER A 267 19.65 6.47 -0.71
N SER A 268 19.95 7.76 -0.83
CA SER A 268 19.02 8.68 -1.47
C SER A 268 18.96 8.48 -2.97
N LEU A 269 20.07 8.07 -3.59
CA LEU A 269 20.07 7.75 -5.00
C LEU A 269 19.37 6.43 -5.30
N LYS A 270 19.13 5.63 -4.27
CA LYS A 270 18.45 4.33 -4.32
C LYS A 270 19.19 3.32 -5.21
N VAL A 271 20.51 3.38 -5.22
CA VAL A 271 21.29 2.33 -5.86
C VAL A 271 21.23 1.09 -4.98
N LYS A 272 21.43 -0.08 -5.59
CA LYS A 272 21.42 -1.31 -4.82
C LYS A 272 22.81 -1.86 -4.58
N GLY A 273 23.79 -1.46 -5.38
CA GLY A 273 25.11 -2.04 -5.26
C GLY A 273 26.14 -0.93 -5.26
N LEU A 274 27.38 -1.32 -4.96
CA LEU A 274 28.48 -0.37 -4.87
C LEU A 274 29.73 -1.07 -5.35
N VAL A 275 30.19 -0.75 -6.55
CA VAL A 275 31.34 -1.43 -7.14
C VAL A 275 32.59 -0.70 -6.70
N LEU A 276 33.15 -1.10 -5.56
CA LEU A 276 34.29 -0.44 -4.96
C LEU A 276 35.53 -0.65 -5.81
N GLY A 277 36.43 0.32 -5.80
CA GLY A 277 37.63 0.27 -6.60
C GLY A 277 38.61 -0.75 -6.06
N PRO A 278 39.67 -1.04 -6.82
CA PRO A 278 40.64 -2.04 -6.37
C PRO A 278 41.51 -1.49 -5.27
N ILE A 279 41.49 -2.16 -4.12
CA ILE A 279 42.15 -1.61 -2.93
C ILE A 279 43.36 -2.41 -2.49
N HIS A 280 43.73 -3.51 -3.14
CA HIS A 280 44.80 -4.36 -2.64
C HIS A 280 46.18 -3.75 -2.89
N LYS A 281 47.21 -4.37 -2.32
CA LYS A 281 48.58 -3.87 -2.46
C LYS A 281 49.09 -4.28 -3.84
N ASN A 282 49.28 -3.28 -4.70
CA ASN A 282 49.93 -3.47 -6.00
C ASN A 282 50.94 -2.35 -6.22
N GLN A 283 52.22 -2.69 -6.12
CA GLN A 283 53.28 -1.74 -6.44
C GLN A 283 53.33 -1.36 -7.91
N LYS A 284 53.72 -2.33 -8.73
CA LYS A 284 53.94 -2.15 -10.16
C LYS A 284 53.96 -3.54 -10.77
N ASP A 285 54.59 -3.67 -11.95
CA ASP A 285 54.64 -4.91 -12.72
C ASP A 285 55.32 -6.11 -12.04
N ASP A 286 55.83 -5.95 -10.82
CA ASP A 286 56.40 -7.08 -10.09
C ASP A 286 55.27 -7.96 -9.60
N VAL A 287 55.15 -9.14 -10.21
CA VAL A 287 54.11 -10.10 -9.84
C VAL A 287 54.33 -10.66 -8.45
N ALA A 288 55.58 -10.78 -8.02
CA ALA A 288 55.92 -11.42 -6.75
C ALA A 288 55.47 -10.64 -5.54
N GLN A 289 55.23 -9.34 -5.66
CA GLN A 289 54.79 -8.53 -4.53
C GLN A 289 53.45 -7.84 -4.81
N THR A 290 52.57 -8.51 -5.54
CA THR A 290 51.17 -8.14 -5.63
C THR A 290 50.39 -9.17 -4.84
N ASP A 291 49.82 -8.77 -3.71
CA ASP A 291 49.05 -9.67 -2.88
C ASP A 291 47.60 -9.21 -2.89
N LEU A 292 46.71 -10.07 -3.39
CA LEU A 292 45.30 -9.77 -3.53
C LEU A 292 44.54 -9.88 -2.21
N LEU A 293 45.21 -10.26 -1.12
CA LEU A 293 44.55 -10.45 0.16
C LEU A 293 44.87 -9.33 1.15
N GLN A 294 45.83 -8.46 0.81
CA GLN A 294 46.28 -7.44 1.73
C GLN A 294 45.86 -6.07 1.21
N ILE A 295 45.14 -5.33 2.04
CA ILE A 295 44.64 -4.02 1.67
C ILE A 295 45.80 -3.05 1.71
N ASP A 296 45.78 -2.06 0.82
CA ASP A 296 46.76 -0.99 0.85
C ASP A 296 46.57 -0.15 2.11
N PRO A 297 47.64 0.26 2.78
CA PRO A 297 47.48 1.04 4.03
C PRO A 297 46.98 2.46 3.80
N ASN A 298 47.03 2.97 2.57
CA ASN A 298 46.54 4.30 2.28
C ASN A 298 45.03 4.35 2.09
N PHE A 299 44.34 3.22 2.17
CA PHE A 299 42.89 3.16 2.06
C PHE A 299 42.18 2.90 3.37
N GLY A 300 42.78 2.12 4.24
CA GLY A 300 42.16 1.80 5.52
C GLY A 300 42.69 0.46 6.02
N SER A 301 41.96 -0.11 6.97
CA SER A 301 42.34 -1.38 7.57
C SER A 301 41.13 -2.30 7.53
N LYS A 302 41.39 -3.58 7.82
CA LYS A 302 40.43 -4.67 7.65
C LYS A 302 39.17 -4.47 8.49
N GLU A 303 39.34 -3.94 9.69
CA GLU A 303 38.23 -3.71 10.59
C GLU A 303 37.38 -2.55 10.09
N ASP A 304 38.03 -1.53 9.53
CA ASP A 304 37.30 -0.43 8.90
C ASP A 304 36.52 -0.91 7.68
N PHE A 305 37.09 -1.84 6.92
CA PHE A 305 36.41 -2.44 5.78
C PHE A 305 35.18 -3.22 6.22
N ASP A 306 35.32 -3.99 7.31
CA ASP A 306 34.21 -4.77 7.82
C ASP A 306 33.11 -3.89 8.40
N SER A 307 33.50 -2.77 9.00
CA SER A 307 32.52 -1.80 9.48
C SER A 307 31.76 -1.16 8.33
N LEU A 308 32.48 -0.87 7.23
CA LEU A 308 31.85 -0.32 6.03
C LEU A 308 30.83 -1.30 5.47
N LEU A 309 31.21 -2.58 5.42
CA LEU A 309 30.33 -3.64 4.93
C LEU A 309 29.07 -3.76 5.76
N GLN A 310 29.22 -3.83 7.08
CA GLN A 310 28.05 -4.05 7.93
C GLN A 310 27.16 -2.81 7.99
N SER A 311 27.74 -1.62 7.87
CA SER A 311 26.95 -0.41 7.84
C SER A 311 26.13 -0.32 6.55
N ALA A 312 26.73 -0.71 5.43
CA ALA A 312 25.99 -0.76 4.17
C ALA A 312 24.93 -1.84 4.21
N LYS A 313 25.20 -2.94 4.91
CA LYS A 313 24.22 -4.00 5.07
C LYS A 313 23.02 -3.52 5.87
N LYS A 314 23.27 -2.70 6.89
CA LYS A 314 22.18 -2.07 7.62
C LYS A 314 21.47 -1.03 6.76
N LYS A 315 22.18 -0.43 5.81
CA LYS A 315 21.56 0.53 4.91
C LYS A 315 20.96 -0.15 3.69
N SER A 316 21.09 -1.48 3.60
CA SER A 316 20.70 -2.34 2.49
C SER A 316 21.36 -1.91 1.17
N ILE A 317 22.69 -1.93 1.15
CA ILE A 317 23.49 -1.69 -0.04
C ILE A 317 24.59 -2.74 -0.07
N ARG A 318 24.72 -3.43 -1.21
CA ARG A 318 25.71 -4.49 -1.33
C ARG A 318 27.00 -3.95 -1.90
N VAL A 319 28.11 -4.54 -1.45
CA VAL A 319 29.45 -4.08 -1.81
C VAL A 319 30.03 -5.07 -2.78
N ILE A 320 30.44 -4.58 -3.94
CA ILE A 320 31.11 -5.38 -4.95
C ILE A 320 32.56 -4.91 -5.04
N LEU A 321 33.49 -5.84 -4.93
CA LEU A 321 34.90 -5.52 -4.82
C LEU A 321 35.59 -5.84 -6.13
N ASP A 322 36.22 -4.84 -6.74
CA ASP A 322 37.00 -5.06 -7.94
C ASP A 322 38.27 -5.82 -7.59
N LEU A 323 38.76 -6.64 -8.53
CA LEU A 323 39.89 -7.51 -8.25
C LEU A 323 40.87 -7.62 -9.41
N THR A 324 40.93 -6.63 -10.29
CA THR A 324 41.97 -6.61 -11.32
C THR A 324 43.30 -6.37 -10.66
N PRO A 325 44.31 -7.26 -10.84
CA PRO A 325 45.54 -7.17 -10.06
C PRO A 325 46.37 -5.94 -10.33
N ASN A 326 46.78 -5.73 -11.58
CA ASN A 326 47.61 -4.59 -11.92
C ASN A 326 46.71 -3.41 -12.29
N TYR A 327 46.30 -2.68 -11.27
CA TYR A 327 45.45 -1.53 -11.54
C TYR A 327 46.26 -0.24 -11.54
N ARG A 328 47.56 -0.36 -11.69
CA ARG A 328 48.42 0.80 -11.86
C ARG A 328 49.25 0.75 -13.13
N GLY A 329 49.47 -0.45 -13.68
CA GLY A 329 50.27 -0.60 -14.88
C GLY A 329 49.49 -0.29 -16.15
N GLU A 330 50.14 -0.55 -17.27
CA GLU A 330 49.50 -0.39 -18.58
C GLU A 330 48.76 -1.67 -18.97
N ASN A 331 49.46 -2.80 -18.94
CA ASN A 331 48.80 -4.10 -19.08
C ASN A 331 48.25 -4.51 -17.73
N SER A 332 46.92 -4.60 -17.63
CA SER A 332 46.28 -4.74 -16.33
C SER A 332 46.36 -6.16 -15.79
N TRP A 333 46.73 -7.12 -16.62
CA TRP A 333 46.76 -8.51 -16.22
C TRP A 333 48.16 -9.09 -16.20
N PHE A 334 49.19 -8.26 -15.97
CA PHE A 334 50.57 -8.70 -15.74
C PHE A 334 51.15 -9.49 -16.92
N SER A 335 51.50 -8.81 -18.03
CA SER A 335 51.73 -9.32 -19.39
C SER A 335 52.79 -10.46 -19.51
N THR A 336 53.38 -10.92 -18.42
CA THR A 336 54.18 -12.14 -18.37
C THR A 336 53.23 -13.32 -18.11
N GLN A 337 53.71 -14.48 -17.62
CA GLN A 337 52.93 -15.73 -17.54
C GLN A 337 51.64 -15.57 -16.73
N VAL A 338 50.69 -16.47 -16.98
CA VAL A 338 49.30 -16.21 -16.65
C VAL A 338 48.82 -17.12 -15.52
N ASP A 339 49.56 -18.21 -15.26
CA ASP A 339 49.09 -19.22 -14.32
C ASP A 339 49.08 -18.70 -12.90
N THR A 340 50.11 -17.95 -12.51
CA THR A 340 50.21 -17.43 -11.16
C THR A 340 49.15 -16.35 -10.88
N VAL A 341 48.86 -15.50 -11.86
CA VAL A 341 47.91 -14.43 -11.62
C VAL A 341 46.50 -15.02 -11.64
N ALA A 342 46.26 -16.01 -12.49
CA ALA A 342 44.97 -16.67 -12.52
C ALA A 342 44.74 -17.50 -11.26
N THR A 343 45.80 -18.04 -10.67
CA THR A 343 45.60 -18.81 -9.45
C THR A 343 45.61 -17.94 -8.20
N LYS A 344 46.09 -16.70 -8.29
CA LYS A 344 45.93 -15.82 -7.14
C LYS A 344 44.59 -15.08 -7.16
N VAL A 345 44.03 -14.80 -8.33
CA VAL A 345 42.66 -14.30 -8.40
C VAL A 345 41.67 -15.32 -7.90
N LYS A 346 41.80 -16.57 -8.33
CA LYS A 346 41.01 -17.70 -7.84
C LYS A 346 41.11 -17.87 -6.34
N ASP A 347 42.31 -17.70 -5.78
CA ASP A 347 42.49 -17.78 -4.34
C ASP A 347 41.90 -16.59 -3.61
N ALA A 348 41.82 -15.43 -4.24
CA ALA A 348 41.28 -14.25 -3.56
C ALA A 348 39.77 -14.33 -3.38
N LEU A 349 39.07 -15.06 -4.26
CA LEU A 349 37.62 -15.16 -4.18
C LEU A 349 37.19 -15.92 -2.93
N GLU A 350 37.83 -17.04 -2.65
CA GLU A 350 37.47 -17.88 -1.52
C GLU A 350 37.91 -17.32 -0.18
N PHE A 351 38.66 -16.22 -0.17
CA PHE A 351 38.96 -15.49 1.06
C PHE A 351 38.07 -14.27 1.23
N TRP A 352 37.92 -13.47 0.17
CA TRP A 352 37.09 -12.28 0.27
C TRP A 352 35.61 -12.61 0.38
N LEU A 353 35.18 -13.78 -0.11
CA LEU A 353 33.79 -14.18 0.10
C LEU A 353 33.54 -14.51 1.56
N GLN A 354 34.52 -15.14 2.21
CA GLN A 354 34.40 -15.41 3.64
C GLN A 354 34.49 -14.12 4.44
N ALA A 355 35.15 -13.10 3.89
CA ALA A 355 35.09 -11.78 4.51
C ALA A 355 33.69 -11.19 4.48
N GLY A 356 32.89 -11.56 3.49
CA GLY A 356 31.48 -11.19 3.50
C GLY A 356 31.05 -10.29 2.37
N VAL A 357 31.86 -10.19 1.31
CA VAL A 357 31.52 -9.34 0.17
C VAL A 357 30.45 -10.02 -0.65
N ASP A 358 29.84 -9.28 -1.58
CA ASP A 358 28.67 -9.74 -2.29
C ASP A 358 28.87 -9.86 -3.78
N GLY A 359 30.11 -9.97 -4.24
CA GLY A 359 30.37 -10.13 -5.66
C GLY A 359 31.76 -9.66 -5.98
N PHE A 360 32.10 -9.75 -7.27
CA PHE A 360 33.40 -9.31 -7.76
C PHE A 360 33.25 -8.71 -9.14
N GLN A 361 34.23 -7.89 -9.52
CA GLN A 361 34.32 -7.36 -10.87
C GLN A 361 35.75 -7.51 -11.35
N VAL A 362 35.94 -8.06 -12.54
CA VAL A 362 37.26 -8.16 -13.15
C VAL A 362 37.22 -7.37 -14.45
N ARG A 363 38.13 -6.43 -14.58
CA ARG A 363 38.14 -5.54 -15.74
C ARG A 363 39.22 -5.94 -16.72
N ASP A 364 39.05 -5.46 -17.95
CA ASP A 364 40.00 -5.60 -19.06
C ASP A 364 40.34 -7.07 -19.33
N ILE A 365 39.29 -7.88 -19.50
CA ILE A 365 39.51 -9.31 -19.70
C ILE A 365 39.95 -9.64 -21.12
N GLU A 366 40.03 -8.66 -22.01
CA GLU A 366 40.60 -8.91 -23.33
C GLU A 366 42.11 -8.97 -23.29
N ASN A 367 42.72 -8.55 -22.18
CA ASN A 367 44.15 -8.73 -21.94
C ASN A 367 44.43 -9.96 -21.10
N LEU A 368 43.60 -10.99 -21.18
CA LEU A 368 43.79 -12.22 -20.44
C LEU A 368 43.96 -13.35 -21.42
N LYS A 369 44.90 -14.25 -21.14
CA LYS A 369 45.12 -15.40 -22.00
C LYS A 369 44.08 -16.48 -21.69
N ASP A 370 43.26 -16.79 -22.69
CA ASP A 370 42.18 -17.77 -22.63
C ASP A 370 41.20 -17.40 -21.50
N ALA A 371 40.59 -16.23 -21.69
CA ALA A 371 39.75 -15.64 -20.65
C ALA A 371 38.41 -16.35 -20.54
N SER A 372 37.97 -16.99 -21.63
CA SER A 372 36.68 -17.66 -21.68
C SER A 372 36.62 -18.84 -20.72
N SER A 373 37.72 -19.57 -20.63
CA SER A 373 37.79 -20.72 -19.73
C SER A 373 38.16 -20.34 -18.31
N PHE A 374 38.59 -19.09 -18.09
CA PHE A 374 38.94 -18.67 -16.74
C PHE A 374 37.74 -18.08 -16.02
N LEU A 375 36.90 -17.35 -16.74
CA LEU A 375 35.71 -16.74 -16.14
C LEU A 375 34.71 -17.80 -15.70
N ALA A 376 34.67 -18.93 -16.40
CA ALA A 376 33.75 -20.01 -16.04
C ALA A 376 34.16 -20.66 -14.73
N GLU A 377 35.47 -20.77 -14.48
CA GLU A 377 35.94 -21.34 -13.22
C GLU A 377 35.63 -20.42 -12.05
N TRP A 378 35.83 -19.11 -12.23
CA TRP A 378 35.51 -18.15 -11.18
C TRP A 378 34.01 -18.04 -10.96
N GLN A 379 33.22 -18.15 -12.02
CA GLN A 379 31.77 -18.13 -11.90
C GLN A 379 31.24 -19.37 -11.18
N ASN A 380 31.83 -20.52 -11.48
CA ASN A 380 31.53 -21.77 -10.80
C ASN A 380 31.89 -21.69 -9.32
N ILE A 381 32.99 -21.01 -9.00
CA ILE A 381 33.39 -20.86 -7.61
C ILE A 381 32.46 -19.89 -6.88
N THR A 382 32.11 -18.79 -7.54
CA THR A 382 31.33 -17.72 -6.91
C THR A 382 29.90 -18.15 -6.66
N LYS A 383 29.30 -18.88 -7.59
CA LYS A 383 27.98 -19.46 -7.35
C LYS A 383 28.06 -20.62 -6.38
N GLY A 384 29.24 -21.20 -6.19
CA GLY A 384 29.41 -22.32 -5.30
C GLY A 384 29.54 -21.93 -3.84
N PHE A 385 29.43 -20.64 -3.55
CA PHE A 385 29.30 -20.18 -2.18
C PHE A 385 27.88 -19.82 -1.81
N SER A 386 27.13 -19.18 -2.70
CA SER A 386 25.71 -18.92 -2.57
C SER A 386 25.18 -18.58 -3.95
N GLU A 387 23.86 -18.52 -4.10
CA GLU A 387 23.28 -18.10 -5.36
C GLU A 387 23.00 -16.61 -5.31
N ASP A 388 23.36 -15.98 -4.19
CA ASP A 388 23.22 -14.54 -3.99
C ASP A 388 24.51 -13.81 -4.28
N ARG A 389 25.36 -14.36 -5.14
CA ARG A 389 26.67 -13.79 -5.43
C ARG A 389 26.77 -13.45 -6.91
N LEU A 390 27.61 -12.47 -7.23
CA LEU A 390 27.67 -11.92 -8.57
C LEU A 390 29.11 -11.95 -9.07
N LEU A 391 29.29 -11.96 -10.39
CA LEU A 391 30.57 -11.69 -11.02
C LEU A 391 30.33 -10.79 -12.21
N ILE A 392 31.06 -9.68 -12.30
CA ILE A 392 30.97 -8.73 -13.40
C ILE A 392 32.28 -8.81 -14.17
N ALA A 393 32.22 -8.71 -15.48
CA ALA A 393 33.41 -8.76 -16.31
C ALA A 393 33.38 -7.65 -17.35
N GLY A 394 34.50 -6.97 -17.54
CA GLY A 394 34.53 -5.80 -18.39
C GLY A 394 35.61 -5.88 -19.45
N THR A 395 35.22 -5.50 -20.67
CA THR A 395 36.15 -5.41 -21.79
C THR A 395 36.20 -3.98 -22.28
N ASN A 396 36.86 -3.77 -23.42
CA ASN A 396 36.79 -2.52 -24.16
C ASN A 396 36.29 -2.73 -25.57
N SER A 397 35.68 -3.87 -25.84
CA SER A 397 35.35 -4.27 -27.20
C SER A 397 33.92 -3.88 -27.53
N SER A 398 33.72 -3.28 -28.69
CA SER A 398 32.40 -2.98 -29.20
C SER A 398 31.91 -4.01 -30.20
N ASP A 399 32.67 -5.08 -30.41
CA ASP A 399 32.28 -6.12 -31.35
C ASP A 399 31.21 -7.00 -30.73
N LEU A 400 30.12 -7.20 -31.47
CA LEU A 400 29.05 -8.06 -30.99
C LEU A 400 29.49 -9.52 -30.97
N GLN A 401 30.14 -9.97 -32.04
CA GLN A 401 30.49 -11.38 -32.15
C GLN A 401 31.65 -11.75 -31.25
N GLN A 402 32.44 -10.76 -30.81
CA GLN A 402 33.42 -11.04 -29.77
C GLN A 402 32.77 -11.09 -28.39
N ILE A 403 31.70 -10.32 -28.19
CA ILE A 403 31.00 -10.32 -26.90
C ILE A 403 30.26 -11.63 -26.71
N LEU A 404 29.57 -12.10 -27.75
CA LEU A 404 28.80 -13.34 -27.67
C LEU A 404 29.69 -14.56 -27.43
N SER A 405 30.95 -14.51 -27.85
CA SER A 405 31.87 -15.60 -27.59
C SER A 405 32.21 -15.71 -26.11
N LEU A 406 32.19 -14.59 -25.37
CA LEU A 406 32.36 -14.67 -23.94
C LEU A 406 31.18 -15.34 -23.25
N LEU A 407 29.99 -15.26 -23.86
CA LEU A 407 28.78 -15.79 -23.28
C LEU A 407 28.39 -17.15 -23.85
N GLU A 408 29.34 -17.94 -24.33
CA GLU A 408 29.03 -19.28 -24.82
C GLU A 408 28.73 -20.22 -23.66
N SER A 409 29.71 -20.46 -22.80
CA SER A 409 29.50 -21.37 -21.69
C SER A 409 29.11 -20.63 -20.43
N ASN A 410 29.21 -19.31 -20.43
CA ASN A 410 28.70 -18.50 -19.34
C ASN A 410 27.38 -17.88 -19.71
N LYS A 411 26.38 -18.07 -18.87
CA LYS A 411 25.07 -17.48 -19.12
C LYS A 411 24.68 -16.55 -17.99
N ASP A 412 25.17 -16.82 -16.77
CA ASP A 412 24.85 -16.00 -15.61
C ASP A 412 25.93 -14.98 -15.30
N LEU A 413 26.60 -14.48 -16.33
CA LEU A 413 27.66 -13.50 -16.18
C LEU A 413 27.11 -12.12 -16.52
N LEU A 414 27.56 -11.09 -15.80
CA LEU A 414 27.30 -9.72 -16.17
C LEU A 414 28.50 -9.19 -16.94
N LEU A 415 28.28 -8.76 -18.17
CA LEU A 415 29.37 -8.33 -19.03
C LEU A 415 29.14 -6.90 -19.46
N THR A 416 29.81 -5.97 -18.79
CA THR A 416 29.79 -4.57 -19.19
C THR A 416 30.88 -4.37 -20.23
N SER A 417 30.60 -3.53 -21.22
CA SER A 417 31.55 -3.34 -22.30
C SER A 417 31.30 -1.98 -22.93
N SER A 418 31.96 -1.72 -24.05
CA SER A 418 31.72 -0.50 -24.81
C SER A 418 30.86 -0.76 -26.02
N TYR A 419 29.91 -1.68 -25.91
CA TYR A 419 29.11 -2.07 -27.06
C TYR A 419 28.16 -0.97 -27.50
N LEU A 420 27.65 -0.19 -26.56
CA LEU A 420 26.61 0.76 -26.92
C LEU A 420 27.14 2.00 -27.61
N SER A 421 28.18 2.65 -27.07
CA SER A 421 28.46 4.02 -27.48
C SER A 421 28.98 4.22 -28.89
N ASP A 422 30.31 4.18 -29.08
CA ASP A 422 31.04 4.06 -30.36
C ASP A 422 30.72 5.08 -31.46
N SER A 423 29.58 5.77 -31.37
CA SER A 423 28.88 6.43 -32.45
C SER A 423 27.63 7.05 -31.87
N GLY A 424 26.69 7.44 -32.73
CA GLY A 424 25.32 7.49 -32.25
C GLY A 424 24.54 8.80 -32.29
N SER A 425 24.80 9.62 -33.30
CA SER A 425 23.96 10.80 -33.50
C SER A 425 22.61 10.45 -34.14
N THR A 426 22.41 9.18 -34.49
CA THR A 426 21.15 8.69 -35.02
C THR A 426 20.53 7.71 -34.05
N GLY A 427 19.19 7.64 -34.07
CA GLY A 427 18.47 6.73 -33.19
C GLY A 427 18.07 5.42 -33.84
N GLU A 428 17.94 5.41 -35.17
CA GLU A 428 17.68 4.19 -35.91
C GLU A 428 18.82 3.20 -35.81
N HIS A 429 20.03 3.67 -35.52
CA HIS A 429 21.16 2.80 -35.27
C HIS A 429 21.22 2.29 -33.84
N THR A 430 20.74 3.06 -32.86
CA THR A 430 20.69 2.58 -31.48
C THR A 430 19.60 1.55 -31.28
N LYS A 431 18.45 1.75 -31.95
CA LYS A 431 17.38 0.78 -31.92
C LYS A 431 17.83 -0.57 -32.46
N SER A 432 18.64 -0.55 -33.53
CA SER A 432 19.14 -1.78 -34.12
C SER A 432 20.14 -2.47 -33.21
N LEU A 433 20.94 -1.68 -32.48
CA LEU A 433 21.90 -2.26 -31.54
C LEU A 433 21.19 -2.96 -30.39
N VAL A 434 20.16 -2.32 -29.83
CA VAL A 434 19.47 -2.90 -28.68
C VAL A 434 18.67 -4.13 -29.09
N THR A 435 17.92 -4.03 -30.20
CA THR A 435 17.13 -5.16 -30.66
C THR A 435 18.02 -6.33 -31.09
N GLN A 436 19.16 -6.05 -31.72
CA GLN A 436 20.04 -7.13 -32.17
C GLN A 436 20.74 -7.80 -31.01
N TYR A 437 21.13 -7.02 -29.99
CA TYR A 437 21.73 -7.66 -28.81
C TYR A 437 20.71 -8.47 -28.04
N LEU A 438 19.44 -8.08 -28.05
CA LEU A 438 18.45 -8.87 -27.33
C LEU A 438 18.07 -10.11 -28.12
N ASN A 439 18.07 -10.02 -29.45
CA ASN A 439 17.71 -11.17 -30.27
C ASN A 439 18.84 -12.20 -30.30
N ALA A 440 20.09 -11.76 -30.34
CA ALA A 440 21.20 -12.70 -30.35
C ALA A 440 21.37 -13.42 -29.02
N THR A 441 20.98 -12.81 -27.91
CA THR A 441 21.17 -13.38 -26.58
C THR A 441 20.05 -14.33 -26.21
N GLY A 442 18.89 -14.21 -26.84
CA GLY A 442 17.76 -15.03 -26.45
C GLY A 442 16.99 -14.45 -25.30
N ASN A 443 16.96 -13.11 -25.20
CA ASN A 443 16.26 -12.34 -24.17
C ASN A 443 16.68 -12.76 -22.77
N ARG A 444 17.97 -12.71 -22.53
CA ARG A 444 18.51 -13.07 -21.24
C ARG A 444 18.65 -11.80 -20.38
N TRP A 445 19.28 -11.94 -19.23
CA TRP A 445 19.48 -10.80 -18.36
C TRP A 445 20.84 -10.18 -18.64
N CYS A 446 20.84 -8.92 -19.05
CA CYS A 446 22.04 -8.25 -19.50
C CYS A 446 22.29 -7.03 -18.65
N SER A 447 23.45 -6.42 -18.84
CA SER A 447 23.80 -5.17 -18.22
C SER A 447 23.89 -4.09 -19.28
N TRP A 448 23.20 -2.98 -19.02
CA TRP A 448 23.17 -1.87 -19.97
C TRP A 448 23.99 -0.72 -19.42
N SER A 449 25.08 -0.41 -20.11
CA SER A 449 25.94 0.69 -19.71
C SER A 449 26.68 1.21 -20.93
N LEU A 450 27.41 2.31 -20.78
CA LEU A 450 28.13 2.86 -21.91
C LEU A 450 29.60 2.48 -21.95
N SER A 451 30.22 2.16 -20.82
CA SER A 451 31.63 1.83 -20.80
C SER A 451 31.89 0.93 -19.60
N GLN A 452 33.13 0.50 -19.45
CA GLN A 452 33.52 -0.31 -18.31
C GLN A 452 34.07 0.51 -17.16
N ALA A 453 34.64 1.69 -17.43
CA ALA A 453 35.16 2.50 -16.35
C ALA A 453 34.98 4.00 -16.58
N ARG A 454 34.32 4.38 -17.67
CA ARG A 454 34.28 5.79 -18.03
C ARG A 454 32.88 6.38 -17.85
N LEU A 455 32.83 7.70 -17.79
CA LEU A 455 31.58 8.41 -17.55
C LEU A 455 30.84 8.61 -18.87
N LEU A 456 29.60 9.12 -18.77
CA LEU A 456 28.79 9.31 -19.96
C LEU A 456 29.30 10.48 -20.78
N THR A 457 29.93 11.46 -20.13
CA THR A 457 30.34 12.68 -20.81
C THR A 457 31.59 12.49 -21.64
N SER A 458 32.24 11.33 -21.51
CA SER A 458 33.38 11.01 -22.36
C SER A 458 32.95 10.60 -23.77
N PHE A 459 31.66 10.32 -23.98
CA PHE A 459 31.19 9.87 -25.28
C PHE A 459 30.01 10.73 -25.74
N LEU A 460 29.48 11.55 -24.87
CA LEU A 460 28.25 12.24 -25.21
C LEU A 460 28.40 13.75 -25.08
N PRO A 461 27.60 14.53 -25.79
CA PRO A 461 27.49 15.96 -25.49
C PRO A 461 26.65 16.18 -24.25
N ALA A 462 26.52 17.44 -23.83
CA ALA A 462 25.71 17.76 -22.66
C ALA A 462 24.24 17.75 -23.01
N GLN A 463 23.92 17.78 -24.30
CA GLN A 463 22.54 17.79 -24.75
C GLN A 463 21.97 16.39 -24.94
N LEU A 464 22.67 15.36 -24.49
CA LEU A 464 22.21 13.98 -24.60
C LEU A 464 22.32 13.21 -23.30
N LEU A 465 22.67 13.89 -22.20
CA LEU A 465 22.85 13.19 -20.95
C LEU A 465 21.52 12.75 -20.35
N ARG A 466 20.44 13.46 -20.67
CA ARG A 466 19.15 13.10 -20.10
C ARG A 466 18.45 12.02 -20.93
N LEU A 467 18.65 12.07 -22.25
CA LEU A 467 18.07 11.06 -23.13
C LEU A 467 18.64 9.68 -22.87
N TYR A 468 19.93 9.58 -22.58
CA TYR A 468 20.51 8.29 -22.23
C TYR A 468 20.17 7.87 -20.81
N GLN A 469 20.00 8.82 -19.89
CA GLN A 469 19.60 8.46 -18.54
C GLN A 469 18.18 7.96 -18.49
N LEU A 470 17.31 8.45 -19.36
CA LEU A 470 15.98 7.88 -19.45
C LEU A 470 16.00 6.50 -20.10
N MET A 471 16.90 6.29 -21.04
CA MET A 471 16.95 5.02 -21.76
C MET A 471 17.53 3.90 -20.91
N LEU A 472 18.59 4.19 -20.15
CA LEU A 472 19.26 3.12 -19.41
C LEU A 472 18.45 2.63 -18.22
N PHE A 473 17.50 3.42 -17.74
CA PHE A 473 16.69 2.99 -16.61
C PHE A 473 15.43 2.24 -16.99
N THR A 474 15.14 2.11 -18.27
CA THR A 474 13.93 1.43 -18.70
C THR A 474 14.19 0.21 -19.56
N LEU A 475 15.40 -0.03 -19.97
CA LEU A 475 15.75 -1.16 -20.80
C LEU A 475 15.84 -2.43 -19.95
N PRO A 476 15.60 -3.62 -20.55
CA PRO A 476 15.49 -4.83 -19.73
C PRO A 476 16.80 -5.38 -19.20
N GLY A 477 17.30 -4.85 -18.09
CA GLY A 477 18.54 -5.39 -17.56
C GLY A 477 18.93 -4.71 -16.27
N THR A 478 20.23 -4.59 -16.07
CA THR A 478 20.77 -3.89 -14.91
C THR A 478 21.56 -2.69 -15.43
N PRO A 479 21.18 -1.46 -15.08
CA PRO A 479 22.00 -0.32 -15.48
C PRO A 479 23.20 -0.19 -14.56
N VAL A 480 24.34 0.16 -15.14
CA VAL A 480 25.56 0.38 -14.37
C VAL A 480 26.04 1.79 -14.65
N PHE A 481 26.30 2.56 -13.60
CA PHE A 481 26.77 3.93 -13.69
C PHE A 481 28.08 4.06 -12.93
N SER A 482 28.86 5.05 -13.31
CA SER A 482 30.03 5.46 -12.55
C SER A 482 29.64 6.64 -11.67
N TYR A 483 30.57 7.07 -10.82
CA TYR A 483 30.24 8.16 -9.92
C TYR A 483 30.27 9.48 -10.68
N GLY A 484 29.29 10.32 -10.41
CA GLY A 484 29.15 11.57 -11.12
C GLY A 484 28.34 11.51 -12.39
N ASP A 485 27.76 10.36 -12.73
CA ASP A 485 26.84 10.34 -13.86
C ASP A 485 25.48 10.90 -13.52
N GLU A 486 25.20 11.16 -12.25
CA GLU A 486 23.93 11.73 -11.87
C GLU A 486 23.94 13.25 -11.84
N ILE A 487 25.11 13.87 -11.80
CA ILE A 487 25.22 15.33 -11.80
C ILE A 487 25.79 15.86 -13.10
N GLY A 488 26.01 15.02 -14.09
CA GLY A 488 26.57 15.47 -15.34
C GLY A 488 28.01 15.93 -15.23
N LEU A 489 28.82 15.21 -14.46
CA LEU A 489 30.22 15.54 -14.21
C LEU A 489 31.02 15.51 -15.50
N ASP A 490 32.02 16.38 -15.62
CA ASP A 490 32.78 16.51 -16.85
C ASP A 490 34.23 16.83 -16.56
N ALA A 491 35.14 15.96 -16.99
CA ALA A 491 36.56 16.22 -16.81
C ALA A 491 37.10 17.19 -17.85
N ALA A 492 36.38 17.41 -18.94
CA ALA A 492 36.82 18.28 -20.03
C ALA A 492 36.29 19.70 -19.87
N ALA A 493 36.11 20.13 -18.63
CA ALA A 493 35.70 21.50 -18.35
C ALA A 493 36.59 22.20 -17.33
N LEU A 494 37.33 21.46 -16.50
CA LEU A 494 38.29 22.04 -15.58
C LEU A 494 39.65 21.46 -15.92
N PRO A 495 40.62 22.29 -16.32
CA PRO A 495 41.94 21.75 -16.63
C PRO A 495 42.70 21.31 -15.39
N GLY A 496 43.83 20.64 -15.59
CA GLY A 496 44.61 20.11 -14.50
C GLY A 496 43.94 18.96 -13.79
N GLN A 497 43.39 18.02 -14.55
CA GLN A 497 42.67 16.87 -14.00
C GLN A 497 42.94 15.63 -14.86
N PRO A 498 43.10 14.47 -14.24
CA PRO A 498 43.24 13.24 -15.02
C PRO A 498 41.95 12.88 -15.74
N MET A 499 42.04 12.13 -16.83
CA MET A 499 40.86 11.77 -17.59
C MET A 499 40.22 10.47 -17.11
N GLU A 500 40.87 9.76 -16.19
CA GLU A 500 40.33 8.53 -15.65
C GLU A 500 39.76 8.70 -14.26
N ALA A 501 39.97 9.86 -13.63
CA ALA A 501 39.55 10.06 -12.25
C ALA A 501 39.34 11.53 -11.95
N PRO A 502 38.21 12.10 -12.38
CA PRO A 502 37.94 13.50 -12.06
C PRO A 502 37.54 13.66 -10.60
N VAL A 503 37.50 14.89 -10.12
CA VAL A 503 37.17 15.18 -8.73
C VAL A 503 35.66 15.32 -8.65
N MET A 504 35.08 14.86 -7.55
CA MET A 504 33.65 14.94 -7.38
C MET A 504 33.29 16.30 -6.79
N LEU A 505 32.27 16.94 -7.35
CA LEU A 505 31.92 18.30 -6.99
C LEU A 505 30.83 18.26 -5.93
N TRP A 506 31.23 18.07 -4.68
CA TRP A 506 30.27 18.07 -3.57
C TRP A 506 29.72 19.47 -3.33
N ASP A 507 30.60 20.42 -3.01
CA ASP A 507 30.24 21.80 -2.71
C ASP A 507 31.01 22.75 -3.60
N GLU A 508 30.79 24.04 -3.38
CA GLU A 508 31.45 25.05 -4.20
C GLU A 508 32.91 25.24 -3.82
N SER A 509 33.31 24.79 -2.63
CA SER A 509 34.68 24.99 -2.16
C SER A 509 35.50 23.72 -2.32
N SER A 510 35.04 22.80 -3.17
CA SER A 510 35.65 21.49 -3.31
C SER A 510 36.99 21.53 -4.04
N PHE A 511 37.00 22.02 -5.28
CA PHE A 511 38.19 22.06 -6.11
C PHE A 511 39.16 23.12 -5.59
N PRO A 512 40.33 22.74 -5.09
CA PRO A 512 41.26 23.71 -4.49
C PRO A 512 41.89 24.66 -5.50
N ASP A 513 42.45 24.11 -6.58
CA ASP A 513 43.10 24.93 -7.60
C ASP A 513 42.06 25.68 -8.41
N ILE A 514 42.51 26.76 -9.06
CA ILE A 514 41.78 27.76 -9.85
C ILE A 514 40.47 28.14 -9.13
N PRO A 515 40.56 28.92 -8.07
CA PRO A 515 39.40 29.12 -7.19
C PRO A 515 38.33 30.01 -7.79
N GLY A 516 37.39 29.42 -8.52
CA GLY A 516 36.29 30.17 -9.10
C GLY A 516 35.76 29.66 -10.42
N ALA A 517 36.42 28.65 -11.00
CA ALA A 517 35.93 28.02 -12.21
C ALA A 517 34.70 27.16 -11.98
N VAL A 518 34.52 26.62 -10.78
CA VAL A 518 33.38 25.79 -10.46
C VAL A 518 32.17 26.70 -10.24
N SER A 519 31.01 26.29 -10.75
CA SER A 519 29.81 27.11 -10.68
C SER A 519 28.85 26.57 -9.62
N ALA A 520 27.68 27.15 -9.51
CA ALA A 520 26.69 26.72 -8.53
C ALA A 520 25.73 25.67 -9.06
N ASN A 521 25.54 25.59 -10.37
CA ASN A 521 24.78 24.52 -10.99
C ASN A 521 25.64 23.33 -11.37
N MET A 522 26.83 23.19 -10.77
CA MET A 522 27.76 22.13 -11.12
C MET A 522 27.98 21.16 -9.98
N THR A 523 27.35 21.36 -8.83
CA THR A 523 27.69 20.61 -7.63
C THR A 523 26.51 19.76 -7.18
N VAL A 524 26.76 18.94 -6.16
CA VAL A 524 25.69 18.12 -5.56
C VAL A 524 24.69 19.02 -4.85
N LYS A 525 25.19 19.95 -4.03
CA LYS A 525 24.31 20.81 -3.24
C LYS A 525 23.56 21.78 -4.12
N GLY A 526 24.13 22.15 -5.26
CA GLY A 526 23.49 23.13 -6.12
C GLY A 526 22.33 22.56 -6.89
N GLN A 527 22.40 21.27 -7.23
CA GLN A 527 21.34 20.65 -8.02
C GLN A 527 20.28 19.96 -7.17
N SER A 528 20.50 19.85 -5.86
CA SER A 528 19.63 19.03 -5.03
C SER A 528 18.40 19.78 -4.53
N GLU A 529 18.19 21.01 -4.99
CA GLU A 529 16.97 21.73 -4.65
C GLU A 529 16.22 22.14 -5.92
N ASP A 530 16.94 22.23 -7.04
CA ASP A 530 16.38 22.59 -8.34
C ASP A 530 15.62 21.38 -8.85
N PRO A 531 14.31 21.49 -9.10
CA PRO A 531 13.55 20.34 -9.59
C PRO A 531 13.64 20.12 -11.09
N GLY A 532 14.58 20.74 -11.78
CA GLY A 532 14.75 20.52 -13.20
C GLY A 532 16.20 20.25 -13.59
N SER A 533 16.94 19.63 -12.69
CA SER A 533 18.35 19.34 -12.95
C SER A 533 18.52 17.89 -13.41
N LEU A 534 19.77 17.45 -13.43
CA LEU A 534 20.06 16.04 -13.70
C LEU A 534 19.83 15.18 -12.49
N LEU A 535 20.32 15.60 -11.33
CA LEU A 535 20.15 14.86 -10.08
C LEU A 535 18.70 14.77 -9.65
N SER A 536 17.85 15.71 -10.06
CA SER A 536 16.44 15.59 -9.79
C SER A 536 15.74 14.66 -10.77
N LEU A 537 16.38 14.31 -11.88
CA LEU A 537 15.80 13.33 -12.80
C LEU A 537 16.23 11.92 -12.44
N PHE A 538 17.50 11.77 -12.06
CA PHE A 538 18.05 10.48 -11.66
C PHE A 538 17.32 9.92 -10.44
N ARG A 539 16.90 10.79 -9.53
CA ARG A 539 16.23 10.33 -8.32
C ARG A 539 14.83 9.82 -8.63
N ARG A 540 14.09 10.51 -9.49
CA ARG A 540 12.75 10.06 -9.85
C ARG A 540 12.80 8.80 -10.69
N LEU A 541 13.84 8.67 -11.52
CA LEU A 541 13.96 7.47 -12.35
C LEU A 541 14.37 6.26 -11.53
N SER A 542 15.30 6.42 -10.60
CA SER A 542 15.64 5.32 -9.71
C SER A 542 14.53 5.03 -8.72
N ASP A 543 13.63 5.99 -8.48
CA ASP A 543 12.44 5.74 -7.70
C ASP A 543 11.43 4.89 -8.48
N GLN A 544 11.28 5.14 -9.77
CA GLN A 544 10.31 4.37 -10.55
C GLN A 544 10.83 2.99 -10.93
N ARG A 545 12.15 2.83 -11.09
CA ARG A 545 12.69 1.56 -11.59
C ARG A 545 12.62 0.47 -10.55
N SER A 546 13.00 0.76 -9.31
CA SER A 546 13.09 -0.25 -8.25
C SER A 546 11.77 -0.51 -7.56
N LYS A 547 10.67 0.02 -8.06
CA LYS A 547 9.39 -0.06 -7.39
C LYS A 547 8.30 -0.74 -8.21
N GLU A 548 8.17 -0.39 -9.48
CA GLU A 548 7.06 -0.87 -10.29
C GLU A 548 7.41 -2.20 -10.97
N ARG A 549 6.43 -3.10 -11.03
CA ARG A 549 6.65 -4.45 -11.54
C ARG A 549 6.69 -4.54 -13.05
N SER A 550 6.40 -3.46 -13.77
CA SER A 550 6.57 -3.48 -15.22
C SER A 550 8.01 -3.27 -15.64
N LEU A 551 8.68 -2.28 -15.08
CA LEU A 551 10.08 -2.02 -15.37
C LEU A 551 11.01 -3.03 -14.71
N LEU A 552 10.55 -3.75 -13.69
CA LEU A 552 11.38 -4.73 -13.00
C LEU A 552 11.59 -5.99 -13.81
N HIS A 553 10.55 -6.75 -14.09
CA HIS A 553 10.71 -7.97 -14.87
C HIS A 553 9.64 -8.09 -15.92
N GLY A 554 9.33 -7.00 -16.60
CA GLY A 554 8.36 -7.02 -17.66
C GLY A 554 8.98 -7.44 -18.97
N ASP A 555 8.13 -7.51 -19.98
CA ASP A 555 8.55 -7.89 -21.32
C ASP A 555 8.76 -6.62 -22.14
N PHE A 556 9.66 -6.74 -23.10
CA PHE A 556 10.13 -5.63 -23.93
C PHE A 556 9.60 -5.78 -25.33
N HIS A 557 9.03 -4.71 -25.87
CA HIS A 557 8.62 -4.76 -27.27
C HIS A 557 8.85 -3.38 -27.87
N ALA A 558 9.79 -3.29 -28.79
CA ALA A 558 10.07 -2.04 -29.49
C ALA A 558 9.37 -2.06 -30.84
N PHE A 559 8.88 -0.91 -31.26
CA PHE A 559 8.12 -0.88 -32.51
C PHE A 559 8.56 0.28 -33.38
N SER A 560 8.00 0.32 -34.58
CA SER A 560 8.45 1.27 -35.60
C SER A 560 7.85 2.65 -35.37
N ALA A 561 8.62 3.66 -35.77
CA ALA A 561 8.21 5.05 -35.63
C ALA A 561 8.81 5.83 -36.79
N GLY A 562 8.87 7.15 -36.66
CA GLY A 562 9.41 8.00 -37.70
C GLY A 562 10.90 7.89 -37.89
N PRO A 563 11.46 8.80 -38.67
CA PRO A 563 12.92 8.78 -38.93
C PRO A 563 13.75 9.41 -37.81
N GLY A 564 14.04 8.62 -36.78
CA GLY A 564 14.84 9.14 -35.69
C GLY A 564 14.23 8.95 -34.32
N LEU A 565 13.28 8.04 -34.21
CA LEU A 565 12.62 7.79 -32.94
C LEU A 565 12.86 6.36 -32.47
N PHE A 566 13.15 6.22 -31.18
CA PHE A 566 13.29 4.91 -30.54
C PHE A 566 12.09 4.83 -29.61
N SER A 567 11.19 3.89 -29.88
CA SER A 567 9.93 3.77 -29.16
C SER A 567 9.72 2.33 -28.73
N TYR A 568 9.48 2.13 -27.44
CA TYR A 568 9.31 0.77 -26.94
C TYR A 568 8.33 0.75 -25.77
N ILE A 569 7.96 -0.46 -25.36
CA ILE A 569 6.94 -0.70 -24.36
C ILE A 569 7.43 -1.80 -23.42
N ARG A 570 7.31 -1.55 -22.12
CA ARG A 570 7.51 -2.56 -21.09
C ARG A 570 6.15 -2.94 -20.54
N HIS A 571 5.87 -4.25 -20.51
CA HIS A 571 4.58 -4.72 -19.99
C HIS A 571 4.76 -6.05 -19.28
N TRP A 572 4.31 -6.15 -18.03
CA TRP A 572 4.55 -7.42 -17.38
C TRP A 572 3.37 -8.37 -17.45
N ASP A 573 2.32 -8.13 -16.67
CA ASP A 573 1.15 -8.99 -16.78
C ASP A 573 -0.15 -8.19 -16.80
N GLN A 574 -0.38 -7.47 -15.71
CA GLN A 574 -1.56 -6.66 -15.52
C GLN A 574 -1.23 -5.36 -14.80
N ASN A 575 0.03 -5.12 -14.49
CA ASN A 575 0.46 -3.84 -13.96
C ASN A 575 0.44 -2.81 -15.07
N GLU A 576 0.61 -1.55 -14.69
CA GLU A 576 0.48 -0.46 -15.64
C GLU A 576 1.63 -0.48 -16.62
N ARG A 577 1.29 -0.44 -17.91
CA ARG A 577 2.27 -0.54 -18.97
C ARG A 577 3.07 0.75 -19.08
N PHE A 578 4.22 0.67 -19.73
CA PHE A 578 5.02 1.85 -19.97
C PHE A 578 5.38 1.96 -21.44
N LEU A 579 5.21 3.15 -21.99
CA LEU A 579 5.59 3.45 -23.35
C LEU A 579 6.61 4.57 -23.32
N VAL A 580 7.84 4.26 -23.73
CA VAL A 580 8.93 5.22 -23.74
C VAL A 580 9.17 5.64 -25.18
N VAL A 581 9.28 6.96 -25.39
CA VAL A 581 9.49 7.51 -26.73
C VAL A 581 10.68 8.46 -26.65
N LEU A 582 11.70 8.19 -27.45
CA LEU A 582 12.94 8.96 -27.42
C LEU A 582 13.21 9.51 -28.81
N ASN A 583 13.70 10.74 -28.85
CA ASN A 583 14.01 11.45 -30.09
C ASN A 583 15.47 11.84 -30.05
N PHE A 584 16.34 11.01 -30.64
CA PHE A 584 17.76 11.32 -30.66
C PHE A 584 18.13 12.39 -31.68
N GLY A 585 17.20 12.80 -32.52
CA GLY A 585 17.49 13.75 -33.57
C GLY A 585 17.54 15.18 -33.05
N ASP A 586 17.92 16.08 -33.95
CA ASP A 586 18.11 17.49 -33.60
C ASP A 586 16.98 18.34 -34.16
N VAL A 587 16.12 17.80 -35.02
CA VAL A 587 15.04 18.57 -35.59
C VAL A 587 13.70 18.14 -34.98
N GLY A 588 12.76 19.08 -34.89
CA GLY A 588 11.43 18.77 -34.42
C GLY A 588 10.64 17.99 -35.45
N LEU A 589 9.73 17.14 -34.99
CA LEU A 589 9.00 16.22 -35.87
C LEU A 589 7.81 15.66 -35.11
N SER A 590 7.01 14.88 -35.81
CA SER A 590 5.86 14.21 -35.21
C SER A 590 6.29 12.90 -34.58
N ALA A 591 5.33 12.17 -34.00
CA ALA A 591 5.61 10.84 -33.47
C ALA A 591 5.30 9.73 -34.46
N GLY A 592 4.11 9.74 -35.05
CA GLY A 592 3.71 8.75 -36.04
C GLY A 592 3.71 7.33 -35.52
N LEU A 593 3.08 7.11 -34.37
CA LEU A 593 3.13 5.82 -33.69
C LEU A 593 2.25 4.83 -34.43
N GLN A 594 2.82 4.18 -35.43
CA GLN A 594 2.17 3.08 -36.14
C GLN A 594 2.59 1.78 -35.46
N ALA A 595 1.76 1.31 -34.54
CA ALA A 595 2.17 0.12 -33.80
C ALA A 595 1.92 -1.12 -34.65
N SER A 596 0.64 -1.47 -34.85
CA SER A 596 0.16 -2.46 -35.80
C SER A 596 0.68 -3.89 -35.63
N ASP A 597 1.54 -4.17 -34.64
CA ASP A 597 2.06 -5.52 -34.49
C ASP A 597 2.07 -5.97 -33.03
N LEU A 598 1.92 -5.03 -32.11
CA LEU A 598 1.96 -5.27 -30.67
C LEU A 598 0.81 -6.17 -30.27
N PRO A 599 1.02 -7.09 -29.32
CA PRO A 599 0.02 -8.15 -29.08
C PRO A 599 -1.25 -7.62 -28.43
N ALA A 600 -2.25 -8.49 -28.34
CA ALA A 600 -3.54 -8.11 -27.80
C ALA A 600 -3.52 -7.88 -26.30
N SER A 601 -2.48 -8.34 -25.61
CA SER A 601 -2.32 -8.08 -24.20
C SER A 601 -1.64 -6.75 -23.92
N ALA A 602 -1.08 -6.11 -24.93
CA ALA A 602 -0.38 -4.85 -24.69
C ALA A 602 -0.58 -3.82 -25.79
N SER A 603 -1.67 -3.86 -26.55
CA SER A 603 -1.90 -2.88 -27.60
C SER A 603 -2.23 -1.52 -27.01
N LEU A 604 -1.60 -0.48 -27.57
CA LEU A 604 -1.66 0.86 -26.99
C LEU A 604 -3.04 1.48 -27.20
N PRO A 605 -3.54 2.22 -26.21
CA PRO A 605 -4.86 2.85 -26.33
C PRO A 605 -4.79 4.17 -27.07
N ALA A 606 -5.92 4.88 -27.09
CA ALA A 606 -5.97 6.21 -27.67
C ALA A 606 -5.48 7.31 -26.76
N LYS A 607 -5.50 7.11 -25.44
CA LYS A 607 -5.07 8.11 -24.49
C LYS A 607 -4.16 7.48 -23.44
N ALA A 608 -3.03 8.13 -23.17
CA ALA A 608 -2.09 7.68 -22.16
C ALA A 608 -1.69 8.87 -21.29
N ASP A 609 -1.22 8.58 -20.08
CA ASP A 609 -0.81 9.64 -19.17
C ASP A 609 0.57 10.16 -19.53
N LEU A 610 1.19 10.92 -18.63
CA LEU A 610 2.56 11.36 -18.86
C LEU A 610 3.23 11.51 -17.51
N LEU A 611 4.19 10.65 -17.22
CA LEU A 611 4.83 10.64 -15.93
C LEU A 611 5.93 11.68 -15.80
N LEU A 612 6.77 11.83 -16.81
CA LEU A 612 7.80 12.87 -16.80
C LEU A 612 8.25 13.23 -18.20
N SER A 613 9.10 14.24 -18.31
CA SER A 613 9.72 14.58 -19.58
C SER A 613 11.13 15.09 -19.31
N THR A 614 11.98 14.91 -20.32
CA THR A 614 13.38 15.30 -20.20
C THR A 614 13.57 16.80 -20.27
N GLN A 615 12.76 17.48 -21.05
CA GLN A 615 12.88 18.92 -21.21
C GLN A 615 11.75 19.63 -20.48
N PRO A 616 12.05 20.75 -19.82
CA PRO A 616 10.98 21.53 -19.19
C PRO A 616 10.17 22.28 -20.23
N GLY A 617 8.90 22.46 -19.95
CA GLY A 617 8.02 23.05 -20.93
C GLY A 617 6.88 22.13 -21.33
N ARG A 618 6.44 21.29 -20.39
CA ARG A 618 5.22 20.52 -20.54
C ARG A 618 4.52 20.52 -19.19
N GLU A 619 3.42 19.78 -19.11
CA GLU A 619 2.58 19.69 -17.91
C GLU A 619 2.56 18.23 -17.48
N GLU A 620 2.49 18.00 -16.18
CA GLU A 620 2.74 16.68 -15.64
C GLU A 620 1.48 16.05 -15.04
N GLY A 621 1.08 14.89 -15.56
CA GLY A 621 -0.06 14.19 -15.02
C GLY A 621 -1.22 14.11 -15.99
N SER A 622 -1.14 14.87 -17.07
CA SER A 622 -2.27 15.03 -17.96
C SER A 622 -2.39 13.81 -18.88
N PRO A 623 -3.61 13.33 -19.12
CA PRO A 623 -3.77 12.28 -20.14
C PRO A 623 -3.57 12.81 -21.56
N LEU A 624 -2.51 12.34 -22.21
CA LEU A 624 -2.13 12.80 -23.53
C LEU A 624 -2.65 11.81 -24.59
N GLU A 625 -2.79 12.30 -25.82
CA GLU A 625 -3.30 11.51 -26.93
C GLU A 625 -2.18 11.17 -27.90
N LEU A 626 -2.11 9.90 -28.30
CA LEU A 626 -1.00 9.38 -29.09
C LEU A 626 -1.34 9.37 -30.59
N GLU A 627 -1.84 10.50 -31.09
CA GLU A 627 -1.99 10.65 -32.53
C GLU A 627 -1.41 11.97 -32.99
N ARG A 628 -1.59 13.00 -32.16
CA ARG A 628 -1.04 14.31 -32.43
C ARG A 628 0.09 14.67 -31.48
N LEU A 629 0.80 13.69 -30.93
CA LEU A 629 2.01 13.90 -30.14
C LEU A 629 3.15 14.42 -30.99
N LYS A 630 3.57 15.65 -30.72
CA LYS A 630 4.73 16.23 -31.36
C LYS A 630 5.88 16.25 -30.38
N LEU A 631 7.11 16.25 -30.90
CA LEU A 631 8.28 16.20 -30.04
C LEU A 631 9.28 17.28 -30.43
N GLU A 632 9.95 17.81 -29.41
CA GLU A 632 10.99 18.80 -29.58
C GLU A 632 12.32 18.10 -29.81
N PRO A 633 13.34 18.84 -30.27
CA PRO A 633 14.69 18.27 -30.37
C PRO A 633 15.22 17.75 -29.03
N HIS A 634 15.79 16.53 -29.09
CA HIS A 634 16.48 15.88 -27.97
C HIS A 634 15.55 15.68 -26.77
N GLU A 635 14.36 15.15 -27.04
CA GLU A 635 13.32 15.00 -26.05
C GLU A 635 12.98 13.54 -25.83
N GLY A 636 12.70 13.18 -24.58
CA GLY A 636 12.26 11.84 -24.26
C GLY A 636 11.09 11.84 -23.30
N LEU A 637 10.14 10.93 -23.51
CA LEU A 637 8.89 10.90 -22.76
C LEU A 637 8.65 9.51 -22.19
N LEU A 638 8.02 9.48 -21.01
CA LEU A 638 7.74 8.29 -20.21
C LEU A 638 6.24 8.22 -19.94
N LEU A 639 5.43 8.20 -20.99
CA LEU A 639 3.99 8.02 -20.87
C LEU A 639 3.63 6.69 -20.22
N ARG A 640 2.40 6.56 -19.74
CA ARG A 640 2.00 5.41 -18.93
C ARG A 640 0.51 5.16 -19.01
N PHE A 641 0.11 3.92 -19.24
CA PHE A 641 -1.31 3.57 -19.31
C PHE A 641 -1.51 2.26 -18.58
N PRO A 642 -2.67 2.06 -17.94
CA PRO A 642 -2.89 0.83 -17.18
C PRO A 642 -3.54 -0.28 -17.99
N TYR A 643 -3.69 -1.44 -17.37
CA TYR A 643 -4.22 -2.60 -18.08
C TYR A 643 -5.72 -2.46 -18.32
N ALA A 644 -6.12 -2.67 -19.56
CA ALA A 644 -7.53 -2.61 -19.96
C ALA A 644 -7.74 -3.39 -21.23
N ALA A 645 -8.89 -3.19 -21.87
CA ALA A 645 -9.19 -3.81 -23.16
C ALA A 645 -8.30 -3.25 -24.26
N VAL B 64 -45.95 -9.27 23.81
CA VAL B 64 -44.93 -9.64 22.83
C VAL B 64 -43.79 -8.61 22.81
N THR B 65 -42.98 -8.62 23.85
CA THR B 65 -41.77 -7.83 23.94
C THR B 65 -40.67 -8.52 23.14
N LEU B 66 -39.48 -7.92 23.09
CA LEU B 66 -38.47 -8.53 22.25
C LEU B 66 -37.81 -9.69 22.96
N GLN B 67 -36.93 -9.39 23.93
CA GLN B 67 -36.30 -10.27 24.91
C GLN B 67 -35.32 -9.48 25.77
N ARG B 68 -34.72 -10.16 26.73
CA ARG B 68 -33.47 -9.73 27.37
C ARG B 68 -32.60 -10.98 27.44
N ASN B 69 -31.73 -11.15 26.44
CA ASN B 69 -30.94 -12.37 26.33
C ASN B 69 -29.47 -12.14 26.01
N ILE B 70 -28.96 -10.92 26.15
CA ILE B 70 -27.55 -10.65 25.93
C ILE B 70 -26.85 -10.54 27.28
N THR B 71 -25.89 -11.40 27.53
CA THR B 71 -25.13 -11.36 28.78
C THR B 71 -23.94 -10.41 28.63
N LEU B 72 -23.02 -10.48 29.57
CA LEU B 72 -21.78 -9.72 29.46
C LEU B 72 -20.92 -10.24 28.33
N LEU B 73 -20.74 -11.56 28.26
CA LEU B 73 -19.83 -12.16 27.29
C LEU B 73 -20.35 -12.03 25.86
N ASN B 74 -21.66 -11.98 25.66
CA ASN B 74 -22.19 -11.63 24.35
C ASN B 74 -22.14 -10.13 24.08
N GLY B 75 -21.89 -9.33 25.11
CA GLY B 75 -21.78 -7.90 24.92
C GLY B 75 -20.39 -7.46 24.57
N VAL B 76 -19.38 -8.14 25.14
CA VAL B 76 -17.99 -7.83 24.82
C VAL B 76 -17.69 -8.18 23.37
N ALA B 77 -18.31 -9.24 22.86
CA ALA B 77 -18.05 -9.66 21.49
C ALA B 77 -18.60 -8.67 20.47
N ILE B 78 -19.73 -8.02 20.77
CA ILE B 78 -20.31 -7.05 19.84
C ILE B 78 -19.40 -5.83 19.70
N ILE B 79 -18.67 -5.48 20.76
CA ILE B 79 -17.77 -4.34 20.67
C ILE B 79 -16.43 -4.75 20.07
N VAL B 80 -15.87 -5.88 20.51
CA VAL B 80 -14.55 -6.30 20.06
C VAL B 80 -14.56 -6.69 18.58
N GLY B 81 -15.56 -7.46 18.15
CA GLY B 81 -15.62 -7.87 16.77
C GLY B 81 -15.96 -6.75 15.81
N THR B 82 -16.53 -5.66 16.31
CA THR B 82 -16.82 -4.52 15.46
C THR B 82 -15.70 -3.50 15.42
N ILE B 83 -14.91 -3.39 16.49
CA ILE B 83 -13.72 -2.55 16.43
C ILE B 83 -12.66 -3.20 15.56
N ILE B 84 -12.29 -4.44 15.87
CA ILE B 84 -11.27 -5.16 15.14
C ILE B 84 -11.81 -5.63 13.80
N GLY B 85 -11.57 -4.87 12.75
CA GLY B 85 -12.02 -5.23 11.43
C GLY B 85 -10.91 -5.39 10.43
N SER B 86 -10.79 -4.42 9.52
CA SER B 86 -9.72 -4.39 8.54
C SER B 86 -8.77 -3.22 8.74
N GLY B 87 -8.93 -2.46 9.83
CA GLY B 87 -8.04 -1.35 10.07
C GLY B 87 -6.65 -1.78 10.48
N ILE B 88 -6.56 -2.77 11.37
CA ILE B 88 -5.28 -3.27 11.85
C ILE B 88 -4.51 -4.02 10.75
N PHE B 89 -5.16 -4.37 9.65
CA PHE B 89 -4.49 -5.01 8.54
C PHE B 89 -4.23 -4.10 7.36
N VAL B 90 -4.63 -2.82 7.42
CA VAL B 90 -4.36 -1.89 6.32
C VAL B 90 -3.69 -0.60 6.80
N THR B 91 -4.34 0.14 7.73
CA THR B 91 -3.95 1.51 8.07
C THR B 91 -2.55 1.76 8.68
N PRO B 92 -1.77 0.74 9.24
CA PRO B 92 -0.36 1.03 9.56
C PRO B 92 0.51 1.55 8.43
N THR B 93 0.16 1.33 7.16
CA THR B 93 0.84 2.04 6.08
C THR B 93 0.54 3.53 6.15
N GLY B 94 -0.74 3.89 6.33
CA GLY B 94 -1.13 5.29 6.26
C GLY B 94 -0.62 6.14 7.40
N VAL B 95 -0.70 5.64 8.62
CA VAL B 95 -0.23 6.42 9.77
C VAL B 95 1.30 6.56 9.76
N LEU B 96 2.02 5.54 9.28
CA LEU B 96 3.47 5.62 9.16
C LEU B 96 3.88 6.51 8.01
N LYS B 97 3.11 6.51 6.93
CA LYS B 97 3.39 7.35 5.77
C LYS B 97 3.17 8.81 6.10
N GLU B 98 2.21 9.11 6.97
CA GLU B 98 2.03 10.48 7.43
C GLU B 98 2.68 10.76 8.77
N ALA B 99 3.52 9.86 9.28
CA ALA B 99 4.23 10.10 10.53
C ALA B 99 5.74 9.86 10.42
N GLY B 100 6.20 9.19 9.37
CA GLY B 100 7.61 9.02 9.14
C GLY B 100 8.29 7.94 9.96
N SER B 101 8.30 8.10 11.27
CA SER B 101 9.08 7.27 12.17
C SER B 101 8.25 6.15 12.79
N PRO B 102 8.86 4.99 13.06
CA PRO B 102 8.14 3.94 13.81
C PRO B 102 7.80 4.32 15.24
N GLY B 103 8.69 5.03 15.93
CA GLY B 103 8.44 5.36 17.32
C GLY B 103 7.36 6.40 17.52
N LEU B 104 7.17 7.29 16.55
CA LEU B 104 6.06 8.22 16.64
C LEU B 104 4.72 7.55 16.34
N ALA B 105 4.70 6.58 15.42
CA ALA B 105 3.49 5.80 15.20
C ALA B 105 3.14 4.95 16.42
N LEU B 106 4.14 4.40 17.09
CA LEU B 106 3.89 3.55 18.26
C LEU B 106 3.38 4.34 19.47
N VAL B 107 3.43 5.67 19.45
CA VAL B 107 2.83 6.44 20.52
C VAL B 107 1.53 7.11 20.04
N VAL B 108 1.40 7.32 18.72
CA VAL B 108 0.11 7.69 18.14
C VAL B 108 -0.93 6.60 18.38
N TRP B 109 -0.51 5.34 18.33
CA TRP B 109 -1.46 4.25 18.54
C TRP B 109 -1.79 4.00 20.01
N ALA B 110 -1.29 4.81 20.93
CA ALA B 110 -1.82 4.84 22.28
C ALA B 110 -2.55 6.14 22.59
N ALA B 111 -2.10 7.24 21.98
CA ALA B 111 -2.80 8.51 22.10
C ALA B 111 -4.17 8.49 21.44
N CYS B 112 -4.35 7.71 20.38
CA CYS B 112 -5.70 7.51 19.86
C CYS B 112 -6.49 6.51 20.66
N GLY B 113 -5.82 5.67 21.45
CA GLY B 113 -6.55 4.70 22.25
C GLY B 113 -7.19 5.31 23.47
N VAL B 114 -6.44 6.14 24.21
CA VAL B 114 -6.98 6.67 25.46
C VAL B 114 -8.11 7.67 25.21
N PHE B 115 -8.07 8.36 24.07
CA PHE B 115 -9.16 9.22 23.63
C PHE B 115 -10.47 8.45 23.49
N SER B 116 -10.40 7.26 22.88
CA SER B 116 -11.59 6.46 22.69
C SER B 116 -12.04 5.83 24.00
N ILE B 117 -11.10 5.56 24.92
CA ILE B 117 -11.50 5.09 26.25
C ILE B 117 -12.29 6.16 27.00
N VAL B 118 -11.87 7.43 26.86
CA VAL B 118 -12.58 8.56 27.47
C VAL B 118 -14.00 8.67 26.90
N GLY B 119 -14.10 8.66 25.56
CA GLY B 119 -15.41 8.80 24.93
C GLY B 119 -16.34 7.61 25.19
N ALA B 120 -15.76 6.43 25.36
CA ALA B 120 -16.54 5.25 25.69
C ALA B 120 -17.09 5.33 27.11
N LEU B 121 -16.30 5.85 28.06
CA LEU B 121 -16.80 6.03 29.41
C LEU B 121 -17.92 7.06 29.45
N CYS B 122 -17.81 8.10 28.63
CA CYS B 122 -18.86 9.12 28.61
C CYS B 122 -20.14 8.59 27.96
N TYR B 123 -20.01 7.72 26.95
CA TYR B 123 -21.20 7.06 26.42
C TYR B 123 -21.80 6.05 27.39
N ALA B 124 -20.99 5.46 28.27
CA ALA B 124 -21.56 4.57 29.28
C ALA B 124 -22.39 5.36 30.30
N GLU B 125 -21.90 6.56 30.66
CA GLU B 125 -22.69 7.52 31.43
C GLU B 125 -24.03 7.81 30.77
N LEU B 126 -23.96 8.19 29.49
CA LEU B 126 -25.17 8.58 28.76
C LEU B 126 -26.12 7.41 28.56
N GLY B 127 -25.59 6.20 28.49
CA GLY B 127 -26.40 5.03 28.30
C GLY B 127 -27.12 4.58 29.54
N THR B 128 -26.43 4.63 30.69
CA THR B 128 -27.08 4.26 31.93
C THR B 128 -28.08 5.32 32.36
N THR B 129 -27.83 6.59 32.05
CA THR B 129 -28.79 7.66 32.35
C THR B 129 -30.08 7.52 31.54
N ILE B 130 -29.97 7.57 30.21
CA ILE B 130 -31.12 7.41 29.33
C ILE B 130 -31.14 5.97 28.82
N SER B 131 -31.83 5.09 29.52
CA SER B 131 -31.72 3.65 29.27
C SER B 131 -32.78 3.16 28.28
N LYS B 132 -32.76 3.75 27.09
CA LYS B 132 -33.66 3.35 26.03
C LYS B 132 -32.86 3.02 24.78
N SER B 133 -33.43 2.17 23.94
CA SER B 133 -32.70 1.59 22.83
C SER B 133 -32.55 2.57 21.68
N GLY B 134 -31.79 2.17 20.68
CA GLY B 134 -31.46 3.04 19.58
C GLY B 134 -30.59 4.19 20.04
N GLY B 135 -29.50 3.86 20.75
CA GLY B 135 -28.67 4.89 21.36
C GLY B 135 -27.97 5.73 20.32
N ASP B 136 -27.62 6.96 20.73
CA ASP B 136 -27.11 8.10 19.94
C ASP B 136 -28.20 8.64 19.02
N TYR B 137 -29.41 8.11 19.16
CA TYR B 137 -30.61 8.64 18.54
C TYR B 137 -31.72 8.84 19.55
N ALA B 138 -31.82 7.96 20.54
CA ALA B 138 -32.68 8.22 21.68
C ALA B 138 -32.07 9.25 22.61
N TYR B 139 -30.74 9.34 22.64
CA TYR B 139 -30.11 10.37 23.46
C TYR B 139 -30.21 11.74 22.83
N MET B 140 -30.41 11.80 21.52
CA MET B 140 -30.63 13.05 20.81
C MET B 140 -32.09 13.46 20.78
N LEU B 141 -33.00 12.50 20.67
CA LEU B 141 -34.43 12.77 20.66
C LEU B 141 -34.92 13.32 21.99
N GLU B 142 -34.37 12.84 23.11
CA GLU B 142 -34.70 13.39 24.41
C GLU B 142 -34.22 14.82 24.58
N VAL B 143 -33.07 15.15 24.02
CA VAL B 143 -32.46 16.46 24.21
C VAL B 143 -32.85 17.43 23.11
N TYR B 144 -32.52 17.10 21.87
CA TYR B 144 -32.61 18.06 20.79
C TYR B 144 -33.94 18.06 20.07
N GLY B 145 -34.87 17.18 20.45
CA GLY B 145 -36.22 17.24 19.93
C GLY B 145 -36.51 16.19 18.89
N SER B 146 -37.52 16.47 18.07
CA SER B 146 -37.98 15.53 17.06
C SER B 146 -37.25 15.72 15.74
N LEU B 147 -37.12 16.97 15.28
CA LEU B 147 -36.49 17.21 13.99
C LEU B 147 -34.98 16.95 13.98
N PRO B 148 -34.18 17.39 14.97
CA PRO B 148 -32.76 17.00 14.92
C PRO B 148 -32.48 15.55 15.29
N ALA B 149 -33.49 14.76 15.63
CA ALA B 149 -33.32 13.32 15.69
C ALA B 149 -33.71 12.65 14.39
N PHE B 150 -34.75 13.16 13.72
CA PHE B 150 -35.05 12.68 12.38
C PHE B 150 -33.93 12.99 11.40
N LEU B 151 -33.21 14.09 11.63
CA LEU B 151 -32.10 14.41 10.74
C LEU B 151 -30.91 13.46 10.89
N LYS B 152 -30.76 12.80 12.03
CA LYS B 152 -29.74 11.76 12.13
C LYS B 152 -30.26 10.44 11.60
N LEU B 153 -31.52 10.12 11.90
CA LEU B 153 -32.09 8.85 11.46
C LEU B 153 -32.28 8.80 9.95
N TRP B 154 -32.39 9.95 9.29
CA TRP B 154 -32.55 9.96 7.85
C TRP B 154 -31.22 9.70 7.14
N ILE B 155 -30.12 10.19 7.71
CA ILE B 155 -28.82 9.93 7.11
C ILE B 155 -28.38 8.50 7.40
N GLU B 156 -28.66 7.99 8.60
CA GLU B 156 -28.16 6.66 8.95
C GLU B 156 -28.89 5.54 8.24
N LEU B 157 -30.05 5.77 7.65
CA LEU B 157 -30.63 4.66 6.91
C LEU B 157 -30.40 4.77 5.42
N LEU B 158 -30.04 5.94 4.92
CA LEU B 158 -29.90 6.17 3.50
C LEU B 158 -28.48 5.99 2.99
N ILE B 159 -27.48 6.38 3.78
CA ILE B 159 -26.09 6.40 3.34
C ILE B 159 -25.18 5.61 4.29
N ILE B 160 -25.23 5.93 5.59
CA ILE B 160 -24.10 5.63 6.48
C ILE B 160 -24.08 4.16 6.87
N ARG B 161 -25.21 3.63 7.33
CA ARG B 161 -25.24 2.21 7.64
C ARG B 161 -25.22 1.32 6.39
N PRO B 162 -25.97 1.59 5.29
CA PRO B 162 -25.84 0.68 4.15
C PRO B 162 -24.72 1.04 3.19
N SER B 163 -23.60 1.45 3.71
CA SER B 163 -22.34 1.51 2.98
C SER B 163 -21.22 0.87 3.76
N SER B 164 -21.22 1.03 5.07
CA SER B 164 -20.23 0.38 5.93
C SER B 164 -20.48 -1.10 6.12
N GLN B 165 -21.58 -1.64 5.60
CA GLN B 165 -21.76 -3.08 5.55
C GLN B 165 -21.37 -3.65 4.20
N TYR B 166 -21.69 -2.94 3.12
CA TYR B 166 -21.28 -3.39 1.80
C TYR B 166 -19.78 -3.30 1.60
N ILE B 167 -19.14 -2.28 2.17
CA ILE B 167 -17.70 -2.13 2.04
C ILE B 167 -16.98 -3.25 2.79
N VAL B 168 -17.46 -3.57 4.00
CA VAL B 168 -16.84 -4.62 4.79
C VAL B 168 -17.11 -6.00 4.18
N ALA B 169 -18.27 -6.18 3.55
CA ALA B 169 -18.52 -7.42 2.82
C ALA B 169 -17.61 -7.54 1.61
N LEU B 170 -17.31 -6.42 0.96
CA LEU B 170 -16.41 -6.44 -0.18
C LEU B 170 -14.98 -6.75 0.24
N VAL B 171 -14.58 -6.26 1.42
CA VAL B 171 -13.24 -6.56 1.93
C VAL B 171 -13.13 -8.05 2.28
N PHE B 172 -14.19 -8.59 2.89
CA PHE B 172 -14.33 -10.02 3.16
C PHE B 172 -14.18 -10.85 1.89
N ALA B 173 -14.84 -10.42 0.81
CA ALA B 173 -14.79 -11.17 -0.44
C ALA B 173 -13.42 -11.10 -1.10
N THR B 174 -12.84 -9.90 -1.17
CA THR B 174 -11.57 -9.75 -1.88
C THR B 174 -10.41 -10.32 -1.09
N TYR B 175 -10.59 -10.56 0.20
CA TYR B 175 -9.52 -11.23 0.94
C TYR B 175 -9.78 -12.72 1.07
N LEU B 176 -11.02 -13.16 0.86
CA LEU B 176 -11.29 -14.59 0.88
C LEU B 176 -10.74 -15.27 -0.37
N LEU B 177 -10.83 -14.61 -1.50
CA LEU B 177 -10.30 -15.15 -2.74
C LEU B 177 -8.88 -14.71 -3.03
N LYS B 178 -8.16 -14.23 -2.01
CA LYS B 178 -6.79 -13.77 -2.23
C LYS B 178 -5.77 -14.90 -2.44
N PRO B 179 -5.85 -16.08 -1.75
CA PRO B 179 -4.89 -17.14 -2.09
C PRO B 179 -5.02 -17.75 -3.48
N LEU B 180 -6.07 -17.42 -4.22
CA LEU B 180 -6.17 -17.90 -5.59
C LEU B 180 -5.53 -16.95 -6.59
N PHE B 181 -5.42 -15.68 -6.22
CA PHE B 181 -4.82 -14.68 -7.10
C PHE B 181 -3.85 -13.79 -6.34
N PRO B 182 -2.56 -14.03 -6.51
CA PRO B 182 -1.55 -13.24 -5.81
C PRO B 182 -1.04 -12.08 -6.65
N THR B 183 -0.06 -12.36 -7.50
CA THR B 183 0.54 -11.37 -8.38
C THR B 183 -0.53 -10.56 -9.11
N CYS B 184 -1.75 -11.09 -9.12
CA CYS B 184 -2.87 -10.42 -9.78
C CYS B 184 -4.01 -10.14 -8.81
N PRO B 185 -4.96 -9.31 -9.21
CA PRO B 185 -6.10 -8.98 -8.34
C PRO B 185 -7.34 -9.82 -8.64
N VAL B 186 -8.28 -9.86 -7.70
CA VAL B 186 -9.51 -10.63 -7.87
C VAL B 186 -10.47 -9.91 -8.81
N PRO B 187 -11.30 -10.68 -9.51
CA PRO B 187 -12.28 -10.12 -10.44
C PRO B 187 -13.44 -9.45 -9.73
N GLU B 188 -14.01 -8.43 -10.39
CA GLU B 188 -14.99 -7.57 -9.75
C GLU B 188 -16.33 -8.25 -9.58
N GLU B 189 -16.87 -8.81 -10.67
CA GLU B 189 -18.15 -9.50 -10.60
C GLU B 189 -18.07 -10.80 -9.81
N ALA B 190 -16.88 -11.35 -9.62
CA ALA B 190 -16.76 -12.52 -8.77
C ALA B 190 -16.69 -12.16 -7.30
N ALA B 191 -16.36 -10.91 -6.98
CA ALA B 191 -16.31 -10.50 -5.58
C ALA B 191 -17.62 -9.86 -5.12
N LYS B 192 -18.32 -9.18 -6.03
CA LYS B 192 -19.62 -8.62 -5.68
C LYS B 192 -20.64 -9.70 -5.36
N LEU B 193 -20.56 -10.84 -6.02
CA LEU B 193 -21.50 -11.92 -5.75
C LEU B 193 -21.22 -12.57 -4.40
N VAL B 194 -19.95 -12.69 -4.01
CA VAL B 194 -19.64 -13.23 -2.70
C VAL B 194 -19.99 -12.26 -1.59
N ALA B 195 -19.88 -10.95 -1.85
CA ALA B 195 -20.35 -9.96 -0.89
C ALA B 195 -21.87 -10.05 -0.68
N CYS B 196 -22.61 -10.20 -1.78
CA CYS B 196 -24.06 -10.37 -1.68
C CYS B 196 -24.45 -11.66 -0.98
N LEU B 197 -23.71 -12.75 -1.18
CA LEU B 197 -23.99 -13.97 -0.43
C LEU B 197 -23.70 -13.80 1.06
N CYS B 198 -22.65 -13.05 1.40
CA CYS B 198 -22.33 -12.77 2.79
C CYS B 198 -23.43 -11.99 3.49
N VAL B 199 -24.02 -11.01 2.80
CA VAL B 199 -25.12 -10.26 3.39
C VAL B 199 -26.37 -11.14 3.51
N LEU B 200 -26.71 -11.85 2.44
CA LEU B 200 -27.97 -12.57 2.38
C LEU B 200 -28.00 -13.80 3.27
N LEU B 201 -26.86 -14.39 3.61
CA LEU B 201 -26.89 -15.49 4.56
C LEU B 201 -27.08 -15.00 5.98
N LEU B 202 -26.38 -13.92 6.35
CA LEU B 202 -26.43 -13.41 7.70
C LEU B 202 -27.77 -12.77 8.05
N THR B 203 -28.47 -12.19 7.07
CA THR B 203 -29.80 -11.66 7.41
C THR B 203 -30.79 -12.79 7.70
N ALA B 204 -30.64 -13.93 7.05
CA ALA B 204 -31.52 -15.05 7.34
C ALA B 204 -31.16 -15.71 8.66
N VAL B 205 -29.88 -15.78 8.99
CA VAL B 205 -29.45 -16.27 10.30
C VAL B 205 -30.00 -15.36 11.39
N ASN B 206 -30.00 -14.05 11.16
CA ASN B 206 -30.52 -13.13 12.16
C ASN B 206 -32.04 -13.18 12.26
N CYS B 207 -32.74 -13.38 11.14
CA CYS B 207 -34.20 -13.50 11.19
C CYS B 207 -34.66 -14.80 11.82
N TYR B 208 -33.85 -15.86 11.79
CA TYR B 208 -34.27 -17.12 12.39
C TYR B 208 -34.32 -17.02 13.90
N SER B 209 -33.25 -16.54 14.52
CA SER B 209 -33.18 -16.45 15.97
C SER B 209 -32.22 -15.34 16.38
N VAL B 210 -32.22 -15.03 17.67
CA VAL B 210 -31.26 -14.08 18.21
C VAL B 210 -30.14 -14.81 18.93
N LYS B 211 -30.47 -15.94 19.55
CA LYS B 211 -29.46 -16.76 20.21
C LYS B 211 -28.52 -17.43 19.22
N ALA B 212 -28.93 -17.54 17.95
CA ALA B 212 -28.01 -17.97 16.90
C ALA B 212 -27.08 -16.84 16.48
N ALA B 213 -27.63 -15.64 16.29
CA ALA B 213 -26.85 -14.50 15.84
C ALA B 213 -25.90 -13.98 16.91
N THR B 214 -26.11 -14.36 18.17
CA THR B 214 -25.11 -14.08 19.18
C THR B 214 -23.98 -15.10 19.18
N ARG B 215 -24.28 -16.37 18.92
CA ARG B 215 -23.23 -17.37 18.91
C ARG B 215 -22.41 -17.36 17.63
N VAL B 216 -22.93 -16.76 16.56
CA VAL B 216 -22.07 -16.49 15.40
C VAL B 216 -21.02 -15.45 15.76
N GLN B 217 -21.44 -14.34 16.37
CA GLN B 217 -20.53 -13.28 16.75
C GLN B 217 -19.53 -13.72 17.81
N ASP B 218 -19.97 -14.59 18.74
CA ASP B 218 -19.05 -15.14 19.74
C ASP B 218 -17.96 -15.99 19.11
N ALA B 219 -18.28 -16.72 18.06
CA ALA B 219 -17.27 -17.50 17.36
C ALA B 219 -16.32 -16.61 16.60
N PHE B 220 -16.83 -15.62 15.87
CA PHE B 220 -15.97 -14.85 14.99
C PHE B 220 -15.14 -13.79 15.71
N ALA B 221 -15.61 -13.27 16.85
CA ALA B 221 -14.76 -12.41 17.67
C ALA B 221 -13.57 -13.17 18.25
N ALA B 222 -13.80 -14.39 18.73
CA ALA B 222 -12.69 -15.22 19.18
C ALA B 222 -11.80 -15.65 18.03
N ALA B 223 -12.37 -15.82 16.83
CA ALA B 223 -11.56 -16.15 15.67
C ALA B 223 -10.60 -15.02 15.31
N LYS B 224 -11.08 -13.78 15.27
CA LYS B 224 -10.18 -12.67 14.98
C LYS B 224 -9.23 -12.37 16.12
N LEU B 225 -9.60 -12.67 17.36
CA LEU B 225 -8.64 -12.55 18.46
C LEU B 225 -7.51 -13.56 18.36
N LEU B 226 -7.83 -14.81 17.99
CA LEU B 226 -6.78 -15.81 17.75
C LEU B 226 -5.92 -15.45 16.55
N ALA B 227 -6.52 -14.87 15.51
CA ALA B 227 -5.75 -14.44 14.34
C ALA B 227 -4.77 -13.33 14.68
N LEU B 228 -5.17 -12.37 15.52
CA LEU B 228 -4.23 -11.34 15.94
C LEU B 228 -3.17 -11.86 16.90
N ALA B 229 -3.54 -12.78 17.79
CA ALA B 229 -2.56 -13.40 18.68
C ALA B 229 -1.53 -14.24 17.93
N LEU B 230 -1.91 -14.81 16.78
CA LEU B 230 -0.95 -15.47 15.90
C LEU B 230 0.11 -14.50 15.40
N ILE B 231 -0.28 -13.27 15.02
CA ILE B 231 0.67 -12.27 14.55
C ILE B 231 1.57 -11.80 15.68
N ILE B 232 1.00 -11.65 16.89
CA ILE B 232 1.82 -11.31 18.06
C ILE B 232 2.84 -12.40 18.36
N LEU B 233 2.44 -13.67 18.25
CA LEU B 233 3.37 -14.77 18.49
C LEU B 233 4.44 -14.90 17.41
N LEU B 234 4.10 -14.59 16.16
CA LEU B 234 5.12 -14.62 15.11
C LEU B 234 6.07 -13.44 15.22
N GLY B 235 5.61 -12.32 15.79
CA GLY B 235 6.53 -11.23 16.06
C GLY B 235 7.44 -11.45 17.25
N PHE B 236 6.94 -12.07 18.31
CA PHE B 236 7.75 -12.30 19.50
C PHE B 236 8.74 -13.46 19.37
N VAL B 237 8.81 -14.11 18.20
CA VAL B 237 9.89 -15.04 17.93
C VAL B 237 11.01 -14.31 17.18
N GLN B 238 10.65 -13.42 16.25
CA GLN B 238 11.66 -12.61 15.56
C GLN B 238 12.27 -11.58 16.49
N ILE B 239 11.54 -11.19 17.54
CA ILE B 239 12.19 -10.43 18.61
C ILE B 239 13.23 -11.29 19.31
N GLY B 240 12.91 -12.58 19.52
CA GLY B 240 13.84 -13.48 20.17
C GLY B 240 14.96 -14.00 19.28
N LYS B 241 14.89 -13.73 17.98
CA LYS B 241 15.96 -14.15 17.07
C LYS B 241 17.06 -13.11 16.93
N GLY B 242 17.01 -12.02 17.70
CA GLY B 242 18.09 -11.06 17.74
C GLY B 242 18.25 -10.21 16.50
N ASP B 243 17.16 -10.04 15.75
CA ASP B 243 17.16 -9.18 14.56
C ASP B 243 16.45 -7.90 14.97
N VAL B 244 17.23 -6.96 15.50
CA VAL B 244 16.73 -5.88 16.35
C VAL B 244 17.09 -4.53 15.70
N SER B 245 17.10 -4.52 14.36
CA SER B 245 17.44 -3.33 13.58
C SER B 245 16.53 -2.13 13.84
N ASN B 246 15.33 -2.35 14.35
CA ASN B 246 14.48 -1.27 14.81
C ASN B 246 14.21 -1.41 16.31
N LEU B 247 13.46 -0.43 16.83
CA LEU B 247 12.91 -0.24 18.17
C LEU B 247 13.93 0.12 19.25
N ASP B 248 15.23 -0.10 19.02
CA ASP B 248 16.24 0.57 19.82
C ASP B 248 16.85 1.83 19.18
N PRO B 249 17.38 1.81 17.91
CA PRO B 249 18.03 3.03 17.40
C PRO B 249 17.07 3.90 16.63
N ASN B 250 15.97 4.31 17.27
CA ASN B 250 14.81 4.75 16.53
C ASN B 250 14.69 6.24 16.26
N PHE B 251 13.48 6.66 15.91
CA PHE B 251 13.21 8.06 15.62
C PHE B 251 14.20 8.57 14.60
N SER B 252 14.22 7.95 13.42
CA SER B 252 15.12 8.33 12.36
C SER B 252 14.56 9.42 11.45
N PHE B 253 13.30 9.80 11.67
CA PHE B 253 12.70 10.83 10.84
C PHE B 253 12.19 11.94 11.76
N GLU B 254 11.35 11.52 12.71
CA GLU B 254 10.65 12.23 13.78
C GLU B 254 9.49 13.08 13.25
N GLY B 255 9.48 13.36 11.94
CA GLY B 255 8.38 13.91 11.15
C GLY B 255 7.49 14.96 11.76
N THR B 256 8.06 15.88 12.55
CA THR B 256 7.28 16.55 13.59
C THR B 256 6.30 17.60 13.07
N LYS B 257 6.66 18.40 12.06
CA LYS B 257 5.81 19.52 11.68
C LYS B 257 6.07 20.00 10.25
N LEU B 258 5.11 19.81 9.35
CA LEU B 258 5.25 20.43 8.03
C LEU B 258 4.77 21.88 8.05
N ASP B 259 3.47 22.13 8.25
CA ASP B 259 3.08 23.46 8.72
C ASP B 259 2.20 23.38 9.97
N VAL B 260 1.18 22.50 9.98
CA VAL B 260 0.43 22.14 11.18
C VAL B 260 0.21 20.63 11.15
N GLY B 261 0.21 20.07 9.94
CA GLY B 261 -0.37 18.76 9.70
C GLY B 261 0.52 17.53 9.63
N ASN B 262 1.19 17.17 10.72
CA ASN B 262 1.97 15.94 10.70
C ASN B 262 1.64 14.98 11.84
N ILE B 263 1.36 15.53 13.04
CA ILE B 263 0.98 14.66 14.15
C ILE B 263 -0.53 14.49 14.20
N VAL B 264 -1.27 15.52 13.78
CA VAL B 264 -2.73 15.46 13.87
C VAL B 264 -3.31 14.57 12.78
N LEU B 265 -2.59 14.40 11.67
CA LEU B 265 -3.10 13.51 10.63
C LEU B 265 -2.87 12.05 10.99
N ALA B 266 -1.76 11.77 11.69
CA ALA B 266 -1.55 10.45 12.25
C ALA B 266 -2.61 10.14 13.31
N LEU B 267 -2.98 11.14 14.10
CA LEU B 267 -4.09 10.94 15.04
C LEU B 267 -5.41 10.69 14.32
N TYR B 268 -5.64 11.34 13.18
CA TYR B 268 -6.87 11.14 12.42
C TYR B 268 -6.98 9.72 11.88
N SER B 269 -5.89 9.19 11.32
CA SER B 269 -5.93 7.83 10.80
C SER B 269 -6.01 6.79 11.93
N GLY B 270 -5.28 7.03 13.03
CA GLY B 270 -5.37 6.13 14.16
C GLY B 270 -6.74 6.14 14.83
N LEU B 271 -7.46 7.26 14.71
CA LEU B 271 -8.81 7.32 15.27
C LEU B 271 -9.82 6.68 14.33
N PHE B 272 -9.50 6.60 13.04
CA PHE B 272 -10.30 5.72 12.18
C PHE B 272 -10.10 4.26 12.57
N ALA B 273 -8.89 3.90 12.99
CA ALA B 273 -8.60 2.49 13.31
C ALA B 273 -9.31 2.02 14.57
N TYR B 274 -9.79 2.94 15.42
CA TYR B 274 -10.37 2.60 16.71
C TYR B 274 -11.87 2.73 16.76
N GLY B 275 -12.54 2.82 15.61
CA GLY B 275 -13.93 3.23 15.61
C GLY B 275 -14.88 2.14 16.06
N GLY B 276 -16.12 2.54 16.29
CA GLY B 276 -17.20 1.60 16.50
C GLY B 276 -17.41 1.12 17.92
N TRP B 277 -16.97 1.86 18.92
CA TRP B 277 -17.09 1.42 20.31
C TRP B 277 -18.44 1.76 20.92
N ASN B 278 -19.36 2.35 20.16
CA ASN B 278 -20.64 2.75 20.70
C ASN B 278 -21.79 1.99 20.04
N TYR B 279 -21.59 0.70 19.76
CA TYR B 279 -22.68 -0.08 19.20
C TYR B 279 -23.41 -0.88 20.26
N LEU B 280 -22.85 -0.99 21.46
CA LEU B 280 -23.60 -1.61 22.55
C LEU B 280 -24.71 -0.71 23.05
N ASN B 281 -24.64 0.58 22.71
CA ASN B 281 -25.74 1.49 23.03
C ASN B 281 -26.89 1.32 22.06
N PHE B 282 -26.63 0.76 20.88
CA PHE B 282 -27.70 0.52 19.92
C PHE B 282 -28.50 -0.72 20.30
N VAL B 283 -27.93 -1.56 21.15
CA VAL B 283 -28.52 -2.84 21.50
C VAL B 283 -28.89 -2.91 22.98
N THR B 284 -28.81 -1.79 23.68
CA THR B 284 -29.35 -1.71 25.04
C THR B 284 -30.86 -1.75 24.96
N GLU B 285 -31.53 -1.94 26.12
CA GLU B 285 -32.92 -2.37 26.29
C GLU B 285 -33.09 -3.76 25.67
N GLU B 286 -31.98 -4.50 25.56
CA GLU B 286 -31.97 -5.91 25.21
C GLU B 286 -30.89 -6.67 25.95
N MET B 287 -30.14 -6.02 26.84
CA MET B 287 -29.15 -6.72 27.62
C MET B 287 -29.80 -7.30 28.87
N ILE B 288 -29.17 -8.34 29.40
CA ILE B 288 -29.52 -8.85 30.72
C ILE B 288 -28.84 -7.95 31.74
N ASN B 289 -29.65 -7.28 32.56
CA ASN B 289 -29.24 -6.31 33.59
C ASN B 289 -28.42 -5.17 32.98
N PRO B 290 -29.03 -4.26 32.24
CA PRO B 290 -28.27 -3.23 31.53
C PRO B 290 -27.77 -2.10 32.42
N TYR B 291 -28.14 -2.06 33.69
CA TYR B 291 -27.65 -1.04 34.61
C TYR B 291 -26.28 -1.37 35.16
N ARG B 292 -25.85 -2.61 35.05
CA ARG B 292 -24.52 -3.04 35.46
C ARG B 292 -23.66 -3.45 34.29
N ASN B 293 -24.22 -4.17 33.32
CA ASN B 293 -23.45 -4.80 32.26
C ASN B 293 -23.07 -3.87 31.12
N LEU B 294 -23.83 -2.80 30.89
CA LEU B 294 -23.49 -1.87 29.82
C LEU B 294 -22.19 -1.11 30.05
N PRO B 295 -21.88 -0.57 31.25
CA PRO B 295 -20.53 0.00 31.40
C PRO B 295 -19.47 -1.06 31.64
N LEU B 296 -19.84 -2.21 32.19
CA LEU B 296 -18.86 -3.24 32.48
C LEU B 296 -18.32 -3.89 31.22
N ALA B 297 -19.18 -4.09 30.21
CA ALA B 297 -18.71 -4.64 28.94
C ALA B 297 -17.78 -3.67 28.22
N ILE B 298 -18.08 -2.38 28.29
CA ILE B 298 -17.24 -1.38 27.63
C ILE B 298 -15.89 -1.25 28.31
N ILE B 299 -15.89 -1.25 29.65
CA ILE B 299 -14.65 -1.16 30.42
C ILE B 299 -13.79 -2.41 30.22
N ILE B 300 -14.41 -3.57 30.05
CA ILE B 300 -13.65 -4.77 29.72
C ILE B 300 -13.13 -4.70 28.28
N SER B 301 -13.93 -4.16 27.37
CA SER B 301 -13.64 -4.32 25.94
C SER B 301 -12.58 -3.34 25.43
N LEU B 302 -12.53 -2.11 25.95
CA LEU B 302 -11.71 -1.13 25.24
C LEU B 302 -10.18 -1.19 25.48
N PRO B 303 -9.65 -1.30 26.71
CA PRO B 303 -8.18 -1.34 26.84
C PRO B 303 -7.55 -2.64 26.35
N ILE B 304 -8.32 -3.72 26.24
CA ILE B 304 -7.82 -4.94 25.61
C ILE B 304 -7.52 -4.68 24.13
N VAL B 305 -8.43 -3.98 23.46
CA VAL B 305 -8.22 -3.55 22.09
C VAL B 305 -7.02 -2.61 21.99
N THR B 306 -6.85 -1.72 22.98
CA THR B 306 -5.69 -0.81 23.00
C THR B 306 -4.37 -1.57 23.06
N LEU B 307 -4.24 -2.52 23.99
CA LEU B 307 -2.99 -3.24 24.15
C LEU B 307 -2.72 -4.15 22.95
N VAL B 308 -3.77 -4.74 22.39
CA VAL B 308 -3.58 -5.63 21.23
C VAL B 308 -3.17 -4.82 20.00
N TYR B 309 -3.76 -3.64 19.81
CA TYR B 309 -3.38 -2.77 18.71
C TYR B 309 -1.96 -2.24 18.85
N VAL B 310 -1.47 -2.07 20.08
CA VAL B 310 -0.08 -1.67 20.23
C VAL B 310 0.87 -2.83 19.94
N LEU B 311 0.57 -4.01 20.49
CA LEU B 311 1.48 -5.16 20.33
C LEU B 311 1.55 -5.65 18.89
N THR B 312 0.45 -5.55 18.13
CA THR B 312 0.50 -6.01 16.74
C THR B 312 1.32 -5.06 15.87
N ASN B 313 1.18 -3.76 16.08
CA ASN B 313 2.02 -2.80 15.37
C ASN B 313 3.48 -2.93 15.75
N LEU B 314 3.76 -3.24 17.01
CA LEU B 314 5.14 -3.53 17.42
C LEU B 314 5.66 -4.78 16.73
N ALA B 315 4.82 -5.78 16.50
CA ALA B 315 5.25 -6.96 15.76
C ALA B 315 5.38 -6.72 14.26
N TYR B 316 4.76 -5.66 13.73
CA TYR B 316 4.95 -5.35 12.31
C TYR B 316 6.34 -4.78 12.02
N PHE B 317 6.97 -4.14 13.00
CA PHE B 317 8.24 -3.48 12.73
C PHE B 317 9.45 -4.39 12.87
N THR B 318 9.29 -5.58 13.45
CA THR B 318 10.38 -6.52 13.56
C THR B 318 10.46 -7.47 12.37
N THR B 319 9.63 -7.27 11.37
CA THR B 319 9.68 -8.09 10.16
C THR B 319 10.04 -7.29 8.93
N LEU B 320 9.32 -6.23 8.64
CA LEU B 320 9.60 -5.38 7.50
C LEU B 320 10.34 -4.14 7.96
N SER B 321 11.07 -3.53 7.04
CA SER B 321 11.66 -2.22 7.31
C SER B 321 10.61 -1.16 7.01
N THR B 322 11.02 0.11 7.07
CA THR B 322 10.06 1.20 6.84
C THR B 322 9.62 1.25 5.38
N GLU B 323 10.56 1.15 4.44
CA GLU B 323 10.20 1.23 3.03
C GLU B 323 9.45 -0.02 2.56
N GLN B 324 9.69 -1.17 3.21
CA GLN B 324 8.88 -2.35 2.90
C GLN B 324 7.45 -2.19 3.39
N MET B 325 7.23 -1.39 4.43
CA MET B 325 5.88 -1.17 4.93
C MET B 325 5.16 -0.05 4.19
N LEU B 326 5.90 0.96 3.72
CA LEU B 326 5.25 2.12 3.10
C LEU B 326 4.72 1.82 1.71
N SER B 327 5.37 0.94 0.95
CA SER B 327 4.96 0.67 -0.42
C SER B 327 4.09 -0.58 -0.54
N SER B 328 3.66 -1.15 0.58
CA SER B 328 2.83 -2.34 0.56
C SER B 328 1.36 -1.99 0.38
N GLU B 329 0.55 -3.02 0.17
CA GLU B 329 -0.90 -2.87 0.16
C GLU B 329 -1.58 -3.55 1.33
N ALA B 330 -0.92 -4.52 1.96
CA ALA B 330 -1.47 -5.23 3.10
C ALA B 330 -0.30 -5.77 3.92
N VAL B 331 -0.06 -5.17 5.09
CA VAL B 331 1.11 -5.52 5.89
C VAL B 331 0.97 -6.91 6.47
N ALA B 332 -0.26 -7.39 6.67
CA ALA B 332 -0.44 -8.75 7.14
C ALA B 332 -0.08 -9.76 6.07
N VAL B 333 -0.32 -9.44 4.79
CA VAL B 333 0.04 -10.33 3.69
C VAL B 333 1.56 -10.43 3.55
N ASP B 334 2.26 -9.30 3.62
CA ASP B 334 3.71 -9.32 3.57
C ASP B 334 4.32 -9.87 4.84
N PHE B 335 3.60 -9.82 5.96
CA PHE B 335 4.05 -10.49 7.17
C PHE B 335 4.00 -11.99 7.01
N GLY B 336 2.88 -12.52 6.52
CA GLY B 336 2.77 -13.94 6.28
C GLY B 336 3.68 -14.46 5.17
N ASN B 337 3.96 -13.61 4.18
CA ASN B 337 4.90 -14.00 3.13
C ASN B 337 6.31 -14.16 3.67
N TYR B 338 6.68 -13.32 4.63
CA TYR B 338 7.99 -13.45 5.26
C TYR B 338 8.05 -14.65 6.18
N HIS B 339 7.08 -14.80 7.08
CA HIS B 339 7.26 -15.70 8.21
C HIS B 339 6.68 -17.09 8.01
N LEU B 340 5.95 -17.34 6.92
CA LEU B 340 5.39 -18.68 6.69
C LEU B 340 5.86 -19.29 5.38
N GLY B 341 5.77 -18.56 4.28
CA GLY B 341 6.16 -19.06 2.98
C GLY B 341 5.16 -20.06 2.43
N VAL B 342 5.17 -21.25 2.99
CA VAL B 342 4.13 -22.24 2.75
C VAL B 342 3.21 -22.19 3.95
N MET B 343 1.94 -22.57 3.75
CA MET B 343 0.82 -22.29 4.66
C MET B 343 0.72 -20.79 4.95
N SER B 344 0.99 -19.96 3.95
CA SER B 344 0.87 -18.52 4.05
C SER B 344 -0.48 -18.02 3.59
N TRP B 345 -1.36 -18.92 3.17
CA TRP B 345 -2.73 -18.61 2.81
C TRP B 345 -3.64 -18.50 4.03
N ILE B 346 -3.09 -18.55 5.24
CA ILE B 346 -3.91 -18.51 6.44
C ILE B 346 -4.31 -17.08 6.75
N ILE B 347 -3.41 -16.14 6.49
CA ILE B 347 -3.60 -14.75 6.90
C ILE B 347 -4.70 -14.04 6.10
N PRO B 348 -4.79 -14.14 4.76
CA PRO B 348 -5.98 -13.57 4.11
C PRO B 348 -7.26 -14.36 4.37
N VAL B 349 -7.18 -15.61 4.81
CA VAL B 349 -8.38 -16.30 5.26
C VAL B 349 -8.88 -15.67 6.55
N PHE B 350 -7.96 -15.40 7.48
CA PHE B 350 -8.38 -14.84 8.75
C PHE B 350 -8.79 -13.38 8.65
N VAL B 351 -8.27 -12.64 7.67
CA VAL B 351 -8.80 -11.30 7.42
C VAL B 351 -10.23 -11.37 6.90
N GLY B 352 -10.54 -12.40 6.10
CA GLY B 352 -11.92 -12.61 5.66
C GLY B 352 -12.85 -12.98 6.80
N LEU B 353 -12.37 -13.80 7.72
CA LEU B 353 -13.20 -14.13 8.89
C LEU B 353 -13.40 -12.92 9.78
N SER B 354 -12.37 -12.08 9.90
CA SER B 354 -12.45 -10.87 10.70
C SER B 354 -13.40 -9.85 10.11
N CYS B 355 -13.56 -9.83 8.79
CA CYS B 355 -14.59 -9.00 8.18
C CYS B 355 -15.94 -9.69 8.05
N PHE B 356 -16.01 -11.00 8.26
CA PHE B 356 -17.30 -11.67 8.32
C PHE B 356 -17.98 -11.50 9.67
N GLY B 357 -17.19 -11.38 10.74
CA GLY B 357 -17.79 -11.08 12.02
C GLY B 357 -18.43 -9.72 12.13
N SER B 358 -17.87 -8.72 11.44
CA SER B 358 -18.34 -7.35 11.61
C SER B 358 -19.65 -7.09 10.88
N VAL B 359 -19.91 -7.75 9.75
CA VAL B 359 -21.19 -7.57 9.07
C VAL B 359 -22.32 -8.15 9.90
N ASN B 360 -22.08 -9.30 10.52
CA ASN B 360 -23.04 -9.88 11.45
C ASN B 360 -23.24 -8.97 12.66
N GLY B 361 -22.17 -8.33 13.13
CA GLY B 361 -22.32 -7.37 14.21
C GLY B 361 -23.05 -6.11 13.85
N SER B 362 -22.99 -5.68 12.60
CA SER B 362 -23.61 -4.43 12.20
C SER B 362 -25.06 -4.58 11.77
N LEU B 363 -25.44 -5.73 11.21
CA LEU B 363 -26.84 -5.96 10.83
C LEU B 363 -27.77 -5.96 12.03
N PHE B 364 -27.33 -6.59 13.13
CA PHE B 364 -28.06 -6.63 14.39
C PHE B 364 -28.41 -5.23 14.89
N THR B 365 -27.40 -4.37 15.01
CA THR B 365 -27.61 -3.05 15.57
C THR B 365 -28.34 -2.13 14.61
N SER B 366 -28.13 -2.25 13.30
CA SER B 366 -28.90 -1.42 12.38
C SER B 366 -30.36 -1.81 12.35
N SER B 367 -30.66 -3.11 12.44
CA SER B 367 -32.04 -3.55 12.57
C SER B 367 -32.68 -3.07 13.86
N ARG B 368 -31.96 -3.11 14.97
CA ARG B 368 -32.49 -2.63 16.23
C ARG B 368 -32.62 -1.11 16.31
N LEU B 369 -31.86 -0.38 15.50
CA LEU B 369 -32.05 1.07 15.42
C LEU B 369 -33.26 1.43 14.58
N PHE B 370 -33.44 0.79 13.42
CA PHE B 370 -34.60 1.12 12.60
C PHE B 370 -35.88 0.53 13.15
N PHE B 371 -35.76 -0.47 14.04
CA PHE B 371 -36.90 -0.90 14.85
C PHE B 371 -37.36 0.25 15.74
N VAL B 372 -36.45 0.78 16.57
CA VAL B 372 -36.77 1.75 17.59
C VAL B 372 -37.23 3.07 16.98
N GLY B 373 -36.65 3.46 15.84
CA GLY B 373 -37.02 4.70 15.19
C GLY B 373 -38.41 4.73 14.59
N SER B 374 -39.13 3.59 14.58
CA SER B 374 -40.51 3.56 14.13
C SER B 374 -41.50 3.48 15.28
N ARG B 375 -41.04 3.19 16.50
CA ARG B 375 -41.94 3.23 17.65
C ARG B 375 -42.39 4.64 17.97
N GLU B 376 -41.59 5.64 17.62
CA GLU B 376 -41.95 7.02 17.86
C GLU B 376 -42.83 7.60 16.77
N GLY B 377 -42.78 7.04 15.57
CA GLY B 377 -43.53 7.57 14.45
C GLY B 377 -42.70 8.28 13.41
N HIS B 378 -41.37 8.29 13.56
CA HIS B 378 -40.52 8.85 12.52
C HIS B 378 -40.54 8.00 11.25
N LEU B 379 -40.67 6.69 11.39
CA LEU B 379 -40.63 5.73 10.32
C LEU B 379 -41.98 5.05 10.18
N PRO B 380 -42.27 4.43 9.02
CA PRO B 380 -43.52 3.67 8.88
C PRO B 380 -43.67 2.54 9.89
N SER B 381 -44.94 2.14 10.10
CA SER B 381 -45.28 1.28 11.23
C SER B 381 -45.23 -0.20 10.90
N ILE B 382 -44.89 -0.57 9.65
CA ILE B 382 -44.63 -1.98 9.41
C ILE B 382 -43.31 -2.37 10.04
N LEU B 383 -42.34 -1.47 10.04
CA LEU B 383 -41.20 -1.59 10.93
C LEU B 383 -41.69 -1.45 12.38
N SER B 384 -40.90 -2.01 13.29
CA SER B 384 -41.27 -2.20 14.70
C SER B 384 -42.53 -3.04 14.83
N MET B 385 -42.52 -4.22 14.22
CA MET B 385 -43.54 -5.24 14.40
C MET B 385 -42.85 -6.59 14.49
N ILE B 386 -42.77 -7.14 15.69
CA ILE B 386 -42.13 -8.41 15.97
C ILE B 386 -42.96 -9.53 15.34
N HIS B 387 -42.28 -10.55 14.83
CA HIS B 387 -42.95 -11.81 14.49
C HIS B 387 -42.96 -12.69 15.73
N PRO B 388 -44.12 -13.14 16.21
CA PRO B 388 -44.16 -13.99 17.41
C PRO B 388 -43.65 -15.39 17.10
N GLN B 389 -43.15 -16.08 18.12
CA GLN B 389 -42.57 -17.40 17.89
C GLN B 389 -41.30 -17.10 17.09
N LEU B 390 -40.15 -17.06 17.76
CA LEU B 390 -38.88 -16.73 17.11
C LEU B 390 -38.92 -15.20 17.04
N LEU B 391 -39.25 -14.62 18.18
CA LEU B 391 -39.44 -13.19 18.38
C LEU B 391 -38.24 -12.41 17.85
N THR B 392 -38.29 -12.07 16.57
CA THR B 392 -37.27 -11.27 15.89
C THR B 392 -37.94 -10.22 15.03
N PRO B 393 -37.38 -9.00 14.97
CA PRO B 393 -37.97 -7.97 14.11
C PRO B 393 -37.67 -8.20 12.64
N VAL B 394 -38.43 -9.10 12.01
CA VAL B 394 -38.24 -9.48 10.61
C VAL B 394 -38.36 -8.35 9.59
N PRO B 395 -39.40 -7.49 9.57
CA PRO B 395 -39.47 -6.50 8.49
C PRO B 395 -38.49 -5.35 8.64
N SER B 396 -37.76 -5.29 9.74
CA SER B 396 -36.65 -4.36 9.85
C SER B 396 -35.35 -4.96 9.31
N LEU B 397 -35.11 -6.25 9.56
CA LEU B 397 -33.95 -6.94 9.01
C LEU B 397 -34.02 -7.06 7.50
N VAL B 398 -35.21 -7.35 6.97
CA VAL B 398 -35.41 -7.39 5.53
C VAL B 398 -35.08 -6.04 4.91
N PHE B 399 -35.48 -4.97 5.58
CA PHE B 399 -35.26 -3.62 5.07
C PHE B 399 -33.79 -3.24 5.11
N THR B 400 -33.10 -3.57 6.21
CA THR B 400 -31.65 -3.38 6.30
C THR B 400 -30.90 -4.11 5.20
N CYS B 401 -31.22 -5.39 4.99
CA CYS B 401 -30.54 -6.20 3.97
C CYS B 401 -30.78 -5.67 2.57
N VAL B 402 -32.02 -5.31 2.23
CA VAL B 402 -32.31 -4.81 0.88
C VAL B 402 -31.64 -3.46 0.64
N MET B 403 -31.68 -2.57 1.63
CA MET B 403 -31.03 -1.27 1.46
C MET B 403 -29.51 -1.41 1.40
N THR B 404 -28.95 -2.46 2.02
CA THR B 404 -27.52 -2.72 1.88
C THR B 404 -27.17 -3.23 0.48
N LEU B 405 -27.95 -4.19 -0.03
CA LEU B 405 -27.69 -4.72 -1.37
C LEU B 405 -27.91 -3.70 -2.47
N LEU B 406 -28.66 -2.64 -2.20
CA LEU B 406 -28.81 -1.57 -3.19
C LEU B 406 -27.52 -0.80 -3.47
N TYR B 407 -26.49 -0.95 -2.65
CA TYR B 407 -25.23 -0.25 -2.90
C TYR B 407 -24.22 -1.11 -3.64
N ALA B 408 -24.66 -2.17 -4.29
CA ALA B 408 -23.81 -2.95 -5.17
C ALA B 408 -23.90 -2.49 -6.62
N PHE B 409 -24.68 -1.46 -6.89
CA PHE B 409 -24.75 -0.87 -8.21
C PHE B 409 -23.89 0.38 -8.33
N SER B 410 -23.33 0.85 -7.23
CA SER B 410 -22.36 1.93 -7.26
C SER B 410 -21.01 1.38 -7.69
N LYS B 411 -20.40 2.02 -8.68
CA LYS B 411 -19.12 1.54 -9.19
C LYS B 411 -17.96 2.05 -8.34
N ASP B 412 -18.16 3.10 -7.57
CA ASP B 412 -17.15 3.64 -6.65
C ASP B 412 -17.78 3.81 -5.28
N ILE B 413 -17.57 2.84 -4.40
CA ILE B 413 -18.21 2.84 -3.09
C ILE B 413 -17.30 3.34 -1.98
N PHE B 414 -15.98 3.34 -2.17
CA PHE B 414 -15.07 3.77 -1.13
C PHE B 414 -15.03 5.28 -0.94
N SER B 415 -15.82 6.03 -1.71
CA SER B 415 -15.85 7.48 -1.66
C SER B 415 -16.85 8.02 -0.65
N VAL B 416 -17.18 7.24 0.39
CA VAL B 416 -18.10 7.69 1.42
C VAL B 416 -17.45 7.75 2.80
N ILE B 417 -16.19 7.39 2.92
CA ILE B 417 -15.56 7.20 4.22
C ILE B 417 -15.31 8.55 4.90
N ASN B 418 -15.09 9.58 4.10
CA ASN B 418 -14.87 10.92 4.65
C ASN B 418 -16.13 11.49 5.29
N PHE B 419 -17.26 11.35 4.59
CA PHE B 419 -18.55 11.77 5.12
C PHE B 419 -18.94 10.92 6.32
N PHE B 420 -18.59 9.63 6.29
CA PHE B 420 -18.76 8.68 7.39
C PHE B 420 -18.07 9.18 8.66
N SER B 421 -16.79 9.53 8.53
CA SER B 421 -16.02 9.96 9.70
C SER B 421 -16.46 11.33 10.21
N PHE B 422 -16.77 12.25 9.28
CA PHE B 422 -17.23 13.58 9.66
C PHE B 422 -18.56 13.51 10.40
N PHE B 423 -19.51 12.73 9.85
CA PHE B 423 -20.83 12.58 10.46
C PHE B 423 -20.73 11.89 11.81
N ASN B 424 -19.86 10.89 11.90
CA ASN B 424 -19.54 10.15 13.12
C ASN B 424 -19.12 11.12 14.22
N TRP B 425 -18.10 11.93 13.96
CA TRP B 425 -17.57 12.77 15.02
C TRP B 425 -18.51 13.93 15.35
N LEU B 426 -19.28 14.40 14.37
CA LEU B 426 -20.25 15.45 14.63
C LEU B 426 -21.38 14.97 15.55
N CYS B 427 -21.87 13.75 15.31
CA CYS B 427 -22.96 13.24 16.14
C CYS B 427 -22.49 12.84 17.53
N VAL B 428 -21.26 12.33 17.65
CA VAL B 428 -20.70 12.12 18.97
C VAL B 428 -20.48 13.43 19.72
N ALA B 429 -20.16 14.52 19.03
CA ALA B 429 -20.08 15.83 19.67
C ALA B 429 -21.45 16.31 20.16
N LEU B 430 -22.46 16.20 19.29
CA LEU B 430 -23.83 16.58 19.62
C LEU B 430 -24.36 15.83 20.85
N ALA B 431 -24.02 14.55 20.95
CA ALA B 431 -24.43 13.74 22.09
C ALA B 431 -23.88 14.21 23.42
N ILE B 432 -22.59 14.57 23.50
CA ILE B 432 -22.02 14.96 24.78
C ILE B 432 -22.43 16.38 25.15
N ILE B 433 -22.59 17.25 24.14
CA ILE B 433 -23.18 18.56 24.36
C ILE B 433 -24.57 18.41 24.98
N GLY B 434 -25.39 17.51 24.42
CA GLY B 434 -26.68 17.21 25.00
C GLY B 434 -26.63 16.61 26.38
N MET B 435 -25.60 15.80 26.68
CA MET B 435 -25.50 15.21 28.01
C MET B 435 -25.21 16.25 29.08
N ILE B 436 -24.27 17.16 28.81
CA ILE B 436 -23.98 18.19 29.81
C ILE B 436 -25.13 19.21 29.87
N TRP B 437 -25.80 19.46 28.73
CA TRP B 437 -26.94 20.35 28.74
C TRP B 437 -28.13 19.78 29.50
N LEU B 438 -28.26 18.45 29.53
CA LEU B 438 -29.36 17.83 30.28
C LEU B 438 -29.01 17.56 31.73
N ARG B 439 -27.72 17.42 32.07
CA ARG B 439 -27.33 17.16 33.46
C ARG B 439 -27.70 18.28 34.41
N HIS B 440 -27.75 19.53 33.92
CA HIS B 440 -28.29 20.65 34.69
C HIS B 440 -29.79 20.82 34.51
N ARG B 441 -30.31 20.62 33.30
CA ARG B 441 -31.69 20.88 32.96
C ARG B 441 -32.67 19.89 33.58
N LYS B 442 -32.21 18.69 33.94
CA LYS B 442 -33.06 17.69 34.61
C LYS B 442 -32.23 16.93 35.63
N PRO B 443 -31.88 17.59 36.74
CA PRO B 443 -31.01 16.93 37.72
C PRO B 443 -31.77 16.09 38.73
N GLU B 444 -32.73 15.30 38.27
CA GLU B 444 -33.55 14.47 39.15
C GLU B 444 -33.59 13.01 38.70
N LEU B 445 -33.05 12.70 37.53
CA LEU B 445 -33.04 11.35 36.99
C LEU B 445 -32.12 10.45 37.81
N GLU B 446 -32.35 9.15 37.69
CA GLU B 446 -31.55 8.17 38.42
C GLU B 446 -30.27 7.93 37.65
N ARG B 447 -29.14 8.35 38.23
CA ARG B 447 -27.83 8.12 37.63
C ARG B 447 -27.05 7.17 38.53
N PRO B 448 -27.08 5.86 38.26
CA PRO B 448 -26.33 4.92 39.11
C PRO B 448 -24.83 5.06 38.97
N ILE B 449 -24.36 5.42 37.78
CA ILE B 449 -22.94 5.65 37.53
C ILE B 449 -22.81 7.08 37.05
N LYS B 450 -22.14 7.91 37.85
CA LYS B 450 -22.02 9.35 37.60
C LYS B 450 -20.56 9.67 37.35
N VAL B 451 -20.29 10.40 36.26
CA VAL B 451 -18.90 10.68 35.87
C VAL B 451 -18.50 12.08 36.31
N ASN B 452 -17.27 12.20 36.80
CA ASN B 452 -16.67 13.49 37.06
C ASN B 452 -16.51 14.27 35.76
N LEU B 453 -16.73 15.58 35.83
CA LEU B 453 -16.67 16.39 34.64
C LEU B 453 -15.23 16.64 34.21
N ALA B 454 -15.08 17.37 33.11
CA ALA B 454 -13.87 17.68 32.33
C ALA B 454 -13.28 16.47 31.62
N LEU B 455 -13.80 15.27 31.85
CA LEU B 455 -13.64 14.12 30.96
C LEU B 455 -14.57 14.26 29.75
N PRO B 456 -15.83 14.78 29.88
CA PRO B 456 -16.53 15.19 28.66
C PRO B 456 -15.97 16.43 28.00
N VAL B 457 -15.48 17.39 28.78
CA VAL B 457 -15.11 18.71 28.24
C VAL B 457 -13.85 18.60 27.39
N PHE B 458 -12.84 17.88 27.87
CA PHE B 458 -11.67 17.58 27.06
C PHE B 458 -12.01 16.72 25.85
N PHE B 459 -13.04 15.87 25.97
CA PHE B 459 -13.52 15.15 24.81
C PHE B 459 -14.32 16.05 23.89
N ILE B 460 -15.14 16.97 24.45
CA ILE B 460 -16.01 17.76 23.59
C ILE B 460 -15.24 18.81 22.81
N LEU B 461 -14.10 19.31 23.32
CA LEU B 461 -13.33 20.26 22.53
C LEU B 461 -12.55 19.53 21.44
N ALA B 462 -12.08 18.33 21.74
CA ALA B 462 -11.30 17.57 20.78
C ALA B 462 -12.18 17.02 19.67
N CYS B 463 -13.46 16.79 19.95
CA CYS B 463 -14.38 16.46 18.86
C CYS B 463 -14.57 17.62 17.90
N LEU B 464 -14.64 18.87 18.40
CA LEU B 464 -14.73 20.03 17.51
C LEU B 464 -13.45 20.22 16.72
N PHE B 465 -12.30 19.92 17.34
CA PHE B 465 -11.04 19.97 16.60
C PHE B 465 -11.01 18.91 15.49
N LEU B 466 -11.62 17.75 15.73
CA LEU B 466 -11.65 16.72 14.70
C LEU B 466 -12.66 17.03 13.60
N ILE B 467 -13.77 17.70 13.93
CA ILE B 467 -14.65 18.24 12.89
C ILE B 467 -13.91 19.27 12.05
N ALA B 468 -13.07 20.08 12.69
CA ALA B 468 -12.28 21.07 11.95
C ALA B 468 -11.27 20.40 11.04
N VAL B 469 -10.71 19.27 11.49
CA VAL B 469 -9.73 18.53 10.66
C VAL B 469 -10.44 17.87 9.48
N SER B 470 -11.58 17.23 9.75
CA SER B 470 -12.33 16.52 8.71
C SER B 470 -12.93 17.49 7.72
N PHE B 471 -13.26 18.69 8.19
CA PHE B 471 -13.82 19.73 7.32
C PHE B 471 -12.73 20.32 6.43
N TRP B 472 -11.58 20.62 7.01
CA TRP B 472 -10.42 21.11 6.27
C TRP B 472 -9.47 19.95 5.97
N LYS B 473 -9.94 19.00 5.19
CA LYS B 473 -9.05 18.12 4.45
C LYS B 473 -9.62 17.91 3.05
N THR B 474 -10.94 18.04 2.95
CA THR B 474 -11.69 17.97 1.71
C THR B 474 -13.02 18.70 1.95
N PRO B 475 -13.09 19.99 1.65
CA PRO B 475 -14.34 20.72 1.89
C PRO B 475 -15.37 20.51 0.79
N VAL B 476 -14.89 20.12 -0.39
CA VAL B 476 -15.71 20.04 -1.59
C VAL B 476 -16.68 18.86 -1.48
N GLU B 477 -16.28 17.81 -0.76
CA GLU B 477 -17.16 16.68 -0.52
C GLU B 477 -17.93 16.83 0.80
N CYS B 478 -17.35 17.50 1.79
CA CYS B 478 -18.06 17.69 3.05
C CYS B 478 -19.23 18.66 2.92
N GLY B 479 -19.10 19.67 2.05
CA GLY B 479 -20.25 20.50 1.75
C GLY B 479 -21.33 19.75 1.00
N ILE B 480 -20.92 18.81 0.13
CA ILE B 480 -21.87 17.95 -0.58
C ILE B 480 -22.64 17.09 0.43
N GLY B 481 -21.93 16.51 1.40
CA GLY B 481 -22.58 15.72 2.42
C GLY B 481 -23.47 16.55 3.33
N PHE B 482 -23.10 17.81 3.53
CA PHE B 482 -23.97 18.73 4.27
C PHE B 482 -25.27 18.99 3.51
N THR B 483 -25.20 19.08 2.18
CA THR B 483 -26.42 19.20 1.39
C THR B 483 -27.26 17.91 1.43
N ILE B 484 -26.59 16.75 1.47
CA ILE B 484 -27.34 15.49 1.59
C ILE B 484 -28.03 15.40 2.95
N ILE B 485 -27.38 15.92 4.00
CA ILE B 485 -27.99 16.03 5.33
C ILE B 485 -29.21 16.93 5.28
N LEU B 486 -29.06 18.10 4.63
CA LEU B 486 -30.17 19.04 4.51
C LEU B 486 -31.30 18.53 3.62
N SER B 487 -31.05 17.52 2.80
CA SER B 487 -32.08 16.93 1.95
C SER B 487 -33.09 16.08 2.70
N GLY B 488 -33.19 16.05 4.02
CA GLY B 488 -34.17 15.22 4.69
C GLY B 488 -35.36 15.99 5.23
N LEU B 489 -35.41 17.28 4.91
CA LEU B 489 -36.52 18.11 5.37
C LEU B 489 -37.85 17.84 4.66
N PRO B 490 -37.95 17.73 3.32
CA PRO B 490 -39.27 17.49 2.72
C PRO B 490 -39.86 16.13 3.06
N VAL B 491 -39.04 15.12 3.29
CA VAL B 491 -39.52 13.83 3.78
C VAL B 491 -40.14 13.99 5.17
N TYR B 492 -39.50 14.79 6.03
CA TYR B 492 -40.03 15.05 7.37
C TYR B 492 -41.37 15.77 7.30
N PHE B 493 -41.46 16.83 6.50
CA PHE B 493 -42.70 17.57 6.44
C PHE B 493 -43.77 16.89 5.60
N PHE B 494 -43.42 15.84 4.86
CA PHE B 494 -44.45 15.06 4.17
C PHE B 494 -44.98 13.92 5.05
N GLY B 495 -44.10 13.29 5.81
CA GLY B 495 -44.51 12.12 6.57
C GLY B 495 -44.78 12.37 8.04
N VAL B 496 -43.93 13.13 8.70
CA VAL B 496 -44.02 13.29 10.15
C VAL B 496 -44.88 14.48 10.57
N TRP B 497 -44.59 15.68 10.10
CA TRP B 497 -45.25 16.88 10.58
C TRP B 497 -46.63 17.12 9.98
N TRP B 498 -46.84 16.76 8.71
CA TRP B 498 -48.15 16.90 8.10
C TRP B 498 -49.06 15.77 8.60
N LYS B 499 -49.75 16.06 9.69
CA LYS B 499 -50.75 15.15 10.20
C LYS B 499 -52.00 15.16 9.30
N ASN B 500 -52.81 14.10 9.45
CA ASN B 500 -54.10 13.93 8.77
C ASN B 500 -53.94 13.96 7.25
N LYS B 501 -53.26 12.94 6.74
CA LYS B 501 -53.07 12.77 5.31
C LYS B 501 -54.40 12.42 4.64
N PRO B 502 -54.54 12.68 3.33
CA PRO B 502 -55.79 12.36 2.65
C PRO B 502 -56.04 10.87 2.54
N LYS B 503 -57.29 10.52 2.25
CA LYS B 503 -57.74 9.14 2.19
C LYS B 503 -57.20 8.37 0.98
N TRP B 504 -56.63 9.09 0.00
CA TRP B 504 -55.89 8.44 -1.07
C TRP B 504 -54.58 7.86 -0.56
N LEU B 505 -54.08 8.36 0.58
CA LEU B 505 -52.86 7.87 1.21
C LEU B 505 -53.13 7.03 2.46
N LEU B 506 -54.12 7.39 3.27
CA LEU B 506 -54.31 6.70 4.55
C LEU B 506 -54.91 5.31 4.37
N GLN B 507 -55.63 5.09 3.27
CA GLN B 507 -56.02 3.73 2.94
C GLN B 507 -54.85 2.93 2.39
N GLY B 508 -54.00 3.59 1.58
CA GLY B 508 -52.91 2.88 0.93
C GLY B 508 -51.83 2.42 1.90
N ILE B 509 -51.50 3.28 2.88
CA ILE B 509 -50.50 2.95 3.89
C ILE B 509 -50.97 1.78 4.74
N PHE B 510 -52.24 1.81 5.17
CA PHE B 510 -52.79 0.74 5.98
C PHE B 510 -52.92 -0.56 5.20
N SER B 511 -53.28 -0.48 3.91
CA SER B 511 -53.42 -1.71 3.12
C SER B 511 -52.07 -2.33 2.82
N THR B 512 -51.04 -1.51 2.58
CA THR B 512 -49.70 -2.05 2.38
C THR B 512 -49.15 -2.66 3.67
N THR B 513 -49.45 -2.05 4.82
CA THR B 513 -49.06 -2.64 6.09
C THR B 513 -49.76 -3.96 6.34
N VAL B 514 -51.04 -4.07 5.98
CA VAL B 514 -51.77 -5.33 6.15
C VAL B 514 -51.23 -6.39 5.19
N LEU B 515 -50.84 -5.99 3.98
CA LEU B 515 -50.27 -6.93 3.02
C LEU B 515 -48.93 -7.48 3.51
N CYS B 516 -48.07 -6.59 4.01
CA CYS B 516 -46.80 -7.06 4.57
C CYS B 516 -47.00 -7.88 5.83
N GLN B 517 -48.05 -7.60 6.61
CA GLN B 517 -48.33 -8.39 7.79
C GLN B 517 -48.77 -9.79 7.43
N LYS B 518 -49.63 -9.92 6.42
CA LYS B 518 -50.07 -11.22 5.96
C LYS B 518 -48.96 -11.97 5.24
N LEU B 519 -47.98 -11.26 4.68
CA LEU B 519 -46.82 -11.94 4.13
C LEU B 519 -45.87 -12.46 5.21
N MET B 520 -45.57 -11.65 6.23
CA MET B 520 -44.53 -12.01 7.18
C MET B 520 -45.03 -12.56 8.50
N GLN B 521 -46.34 -12.54 8.76
CA GLN B 521 -46.96 -13.04 10.01
C GLN B 521 -46.41 -12.32 11.24
N VAL B 522 -46.64 -11.01 11.28
CA VAL B 522 -46.06 -10.16 12.31
C VAL B 522 -47.16 -9.45 13.08
N VAL B 523 -46.96 -9.31 14.38
CA VAL B 523 -47.90 -8.63 15.27
C VAL B 523 -47.24 -7.33 15.70
N PRO B 524 -48.01 -6.35 16.17
CA PRO B 524 -47.39 -5.18 16.79
C PRO B 524 -46.74 -5.52 18.12
N GLN B 525 -45.90 -4.61 18.59
CA GLN B 525 -45.22 -4.80 19.86
C GLN B 525 -46.09 -4.33 21.02
N GLU B 526 -46.76 -5.27 21.67
CA GLU B 526 -47.61 -4.95 22.80
C GLU B 526 -47.34 -5.93 23.93
N THR B 527 -46.74 -5.41 25.00
CA THR B 527 -46.41 -6.24 26.16
C THR B 527 -46.86 -5.58 27.45
#